data_3GN6
#
_entry.id   3GN6
#
_cell.length_a   121.268
_cell.length_b   210.205
_cell.length_c   57.984
_cell.angle_alpha   90.000
_cell.angle_beta   90.000
_cell.angle_gamma   90.000
#
_symmetry.space_group_name_H-M   'P 21 21 2'
#
loop_
_entity.id
_entity.type
_entity.pdbx_description
1 polymer 'CT0912, ORFan protein with a ferredoxin-like domain repeat'
2 non-polymer 'MAGNESIUM ION'
3 non-polymer GLYCEROL
4 non-polymer DI(HYDROXYETHYL)ETHER
5 non-polymer 'NONAETHYLENE GLYCOL'
6 water water
#
_entity_poly.entity_id   1
_entity_poly.type   'polypeptide(L)'
_entity_poly.pdbx_seq_one_letter_code
;G(MSE)TGLSQSQASP(MSE)QIQPGNAAFNPWTDAALDTIRDVNQALTLYAE(MSE)RVVPAHHDAFLAAIDTVSAKLR
VLPGFLSLALKQ(MSE)SGDST(MSE)VKNYPETYKGVLATAYLDGVAAGTQPYFYNLFVRFADGRAARAAGFEALFETH
IHPLLHA(MSE)APRGGDGPELLAYRAVLQSVVAGDRHAIYRGAEEIRSFLRRPVELPERETVTVENHV(MSE)VPEDKH
AAWEPQVAILLQVAQDTFEPQDEPSGVGLPGARDNRYYRKALSTEILRNAHADGGLRAYI(MSE)HGVWESVWDHENSHL
DPRFLAAAGPVGAAAVVGPVEPFYLTRRLVVAD
;
_entity_poly.pdbx_strand_id   A,B,C,D
#
# COMPACT_ATOMS: atom_id res chain seq x y z
N PHE A 22 -32.44 2.99 28.32
CA PHE A 22 -32.35 4.32 27.66
C PHE A 22 -32.91 4.29 26.21
N ASN A 23 -34.04 3.61 26.03
CA ASN A 23 -34.68 3.52 24.74
C ASN A 23 -35.76 4.58 24.63
N PRO A 24 -35.55 5.60 23.78
CA PRO A 24 -36.52 6.70 23.74
C PRO A 24 -37.80 6.37 22.96
N TRP A 25 -37.93 5.15 22.45
CA TRP A 25 -39.08 4.77 21.61
C TRP A 25 -40.11 3.91 22.36
N THR A 26 -39.89 3.63 23.64
CA THR A 26 -40.87 2.88 24.42
C THR A 26 -42.13 3.71 24.68
N ASP A 27 -43.23 3.01 24.97
CA ASP A 27 -44.48 3.64 25.39
C ASP A 27 -44.19 4.73 26.44
N ALA A 28 -43.49 4.31 27.50
CA ALA A 28 -43.15 5.14 28.64
C ALA A 28 -42.28 6.33 28.24
N ALA A 29 -41.24 6.09 27.43
CA ALA A 29 -40.41 7.19 26.96
C ALA A 29 -41.29 8.14 26.19
N LEU A 30 -42.11 7.57 25.29
CA LEU A 30 -42.95 8.40 24.45
C LEU A 30 -44.01 9.12 25.29
N ASP A 31 -44.47 8.51 26.37
CA ASP A 31 -45.40 9.19 27.29
C ASP A 31 -44.81 10.45 27.92
N THR A 32 -43.49 10.50 28.09
CA THR A 32 -42.84 11.58 28.84
C THR A 32 -42.73 12.90 28.10
N ILE A 33 -43.19 13.02 26.87
CA ILE A 33 -42.78 14.21 26.11
C ILE A 33 -43.69 15.38 26.41
N VAL A 36 -45.51 17.47 23.45
CA VAL A 36 -46.59 16.74 22.84
C VAL A 36 -47.16 17.38 21.55
N ASN A 37 -47.53 18.66 21.56
CA ASN A 37 -48.40 19.23 20.47
C ASN A 37 -47.64 19.82 19.28
N GLN A 38 -46.67 19.06 18.81
CA GLN A 38 -45.82 19.49 17.73
CA GLN A 38 -45.79 19.50 17.75
C GLN A 38 -45.23 18.26 17.07
N ALA A 39 -44.66 18.46 15.88
CA ALA A 39 -44.11 17.35 15.10
C ALA A 39 -43.01 16.65 15.89
N LEU A 40 -43.04 15.33 15.92
CA LEU A 40 -42.02 14.53 16.56
C LEU A 40 -41.47 13.54 15.51
N THR A 41 -40.15 13.41 15.49
CA THR A 41 -39.44 12.51 14.58
C THR A 41 -38.76 11.41 15.35
N LEU A 42 -39.13 10.18 15.04
CA LEU A 42 -38.36 9.04 15.51
C LEU A 42 -37.18 8.88 14.56
N TYR A 43 -35.99 8.74 15.12
CA TYR A 43 -34.77 8.91 14.35
C TYR A 43 -33.78 7.83 14.69
N ALA A 44 -33.16 7.24 13.67
CA ALA A 44 -32.18 6.20 13.88
C ALA A 44 -31.00 6.43 12.94
N GLU A 45 -29.80 6.14 13.45
CA GLU A 45 -28.61 6.05 12.59
C GLU A 45 -28.13 4.62 12.71
N ARG A 47 -26.07 0.98 10.74
CA ARG A 47 -25.14 0.38 9.82
C ARG A 47 -25.71 -0.92 9.29
N VAL A 48 -25.58 -1.12 7.99
CA VAL A 48 -26.08 -2.33 7.33
C VAL A 48 -24.98 -2.94 6.45
N VAL A 49 -24.65 -4.20 6.67
CA VAL A 49 -23.66 -4.91 5.87
C VAL A 49 -24.29 -5.39 4.55
N PRO A 50 -23.46 -5.53 3.47
CA PRO A 50 -24.00 -5.90 2.17
C PRO A 50 -24.84 -7.14 2.16
N ALA A 51 -24.46 -8.14 2.97
CA ALA A 51 -25.20 -9.41 2.99
C ALA A 51 -26.66 -9.19 3.41
N HIS A 52 -26.92 -8.12 4.15
CA HIS A 52 -28.27 -7.84 4.63
C HIS A 52 -28.94 -6.66 3.97
N HIS A 53 -28.28 -6.05 2.99
CA HIS A 53 -28.78 -4.82 2.41
C HIS A 53 -30.15 -4.94 1.71
N ASP A 54 -30.30 -5.95 0.85
CA ASP A 54 -31.55 -6.05 0.08
C ASP A 54 -32.70 -6.31 1.05
N ALA A 55 -32.47 -7.20 2.00
CA ALA A 55 -33.46 -7.51 3.05
C ALA A 55 -33.80 -6.28 3.88
N PHE A 56 -32.80 -5.46 4.21
CA PHE A 56 -32.99 -4.21 4.93
C PHE A 56 -33.87 -3.21 4.19
N LEU A 57 -33.59 -2.99 2.92
CA LEU A 57 -34.45 -2.11 2.13
C LEU A 57 -35.89 -2.69 1.99
N ALA A 58 -36.00 -4.01 1.84
CA ALA A 58 -37.35 -4.64 1.79
C ALA A 58 -38.04 -4.38 3.11
N ALA A 59 -37.30 -4.53 4.22
CA ALA A 59 -37.85 -4.33 5.56
C ALA A 59 -38.31 -2.87 5.71
N ILE A 60 -37.50 -1.92 5.24
CA ILE A 60 -37.91 -0.51 5.29
C ILE A 60 -39.18 -0.27 4.46
N ASP A 61 -39.28 -0.92 3.31
CA ASP A 61 -40.46 -0.78 2.48
C ASP A 61 -41.67 -1.43 3.17
N THR A 62 -41.47 -2.59 3.79
CA THR A 62 -42.58 -3.21 4.57
C THR A 62 -43.05 -2.25 5.65
N VAL A 63 -42.08 -1.76 6.44
CA VAL A 63 -42.38 -0.82 7.52
C VAL A 63 -43.04 0.50 7.07
N SER A 64 -42.60 1.07 5.96
CA SER A 64 -43.14 2.36 5.52
C SER A 64 -44.57 2.23 4.96
N ALA A 65 -44.87 1.09 4.33
CA ALA A 65 -46.22 0.78 3.86
C ALA A 65 -47.18 0.76 5.05
N LYS A 66 -46.71 0.18 6.16
CA LYS A 66 -47.52 0.10 7.36
C LYS A 66 -47.67 1.47 8.02
N LEU A 67 -46.56 2.22 8.11
CA LEU A 67 -46.62 3.53 8.73
C LEU A 67 -47.43 4.56 7.95
N ARG A 68 -47.43 4.52 6.62
CA ARG A 68 -48.00 5.62 5.83
CA ARG A 68 -47.99 5.65 5.88
C ARG A 68 -49.50 5.76 5.99
N VAL A 69 -50.15 4.65 6.38
CA VAL A 69 -51.60 4.59 6.55
C VAL A 69 -52.03 4.93 8.00
N LEU A 70 -51.06 5.14 8.90
CA LEU A 70 -51.36 5.45 10.30
C LEU A 70 -51.84 6.89 10.47
N PRO A 71 -52.80 7.12 11.39
CA PRO A 71 -53.18 8.48 11.81
C PRO A 71 -51.95 9.30 12.27
N GLY A 72 -51.81 10.50 11.70
CA GLY A 72 -50.85 11.47 12.19
C GLY A 72 -49.44 11.26 11.62
N PHE A 73 -49.29 10.28 10.73
CA PHE A 73 -48.00 10.08 10.01
C PHE A 73 -47.83 11.17 9.00
N LEU A 74 -46.65 11.82 8.97
CA LEU A 74 -46.32 12.92 8.02
C LEU A 74 -45.39 12.47 6.88
N SER A 75 -44.27 11.88 7.23
CA SER A 75 -43.30 11.43 6.22
C SER A 75 -42.27 10.51 6.81
N LEU A 76 -41.61 9.76 5.93
CA LEU A 76 -40.50 8.91 6.32
C LEU A 76 -39.41 9.13 5.27
N ALA A 77 -38.16 9.32 5.73
CA ALA A 77 -37.00 9.46 4.80
C ALA A 77 -35.95 8.45 5.23
N LEU A 78 -35.40 7.71 4.26
CA LEU A 78 -34.28 6.81 4.48
C LEU A 78 -33.15 7.42 3.67
N LYS A 79 -32.08 7.78 4.36
CA LYS A 79 -30.97 8.54 3.76
C LYS A 79 -29.68 7.75 3.95
N GLN A 80 -28.94 7.57 2.85
CA GLN A 80 -27.67 6.84 2.88
C GLN A 80 -26.55 7.88 3.01
N SER A 82 -23.23 9.47 2.29
CA SER A 82 -22.50 9.41 1.03
C SER A 82 -21.10 10.06 1.07
N GLY A 83 -20.90 11.00 1.99
CA GLY A 83 -19.61 11.69 2.14
C GLY A 83 -19.57 12.54 3.40
N ASP A 84 -18.58 13.41 3.50
CA ASP A 84 -18.39 14.23 4.70
C ASP A 84 -18.06 15.65 4.28
N SER A 85 -18.70 16.65 4.90
CA SER A 85 -18.33 18.07 4.61
C SER A 85 -16.97 18.37 5.19
N THR A 86 -16.11 19.03 4.40
CA THR A 86 -14.91 19.63 4.97
C THR A 86 -15.11 21.13 5.26
N VAL A 88 -17.59 22.65 6.55
CA VAL A 88 -18.17 22.86 7.89
C VAL A 88 -17.12 23.14 8.96
N LYS A 89 -15.90 22.63 8.77
CA LYS A 89 -14.80 22.82 9.74
C LYS A 89 -14.00 24.10 9.50
N ASN A 90 -14.28 24.77 8.39
CA ASN A 90 -13.55 25.92 7.95
C ASN A 90 -12.09 25.61 7.70
N TYR A 91 -11.82 24.39 7.21
CA TYR A 91 -10.49 24.13 6.68
C TYR A 91 -10.31 25.09 5.51
N PRO A 92 -9.05 25.36 5.12
CA PRO A 92 -8.85 26.15 3.92
C PRO A 92 -9.54 25.61 2.67
N GLU A 93 -9.88 26.50 1.75
CA GLU A 93 -10.64 26.14 0.55
C GLU A 93 -10.01 25.00 -0.31
N THR A 94 -8.69 24.80 -0.18
CA THR A 94 -8.06 23.69 -0.87
CA THR A 94 -8.04 23.67 -0.84
C THR A 94 -8.66 22.32 -0.48
N TYR A 95 -9.29 22.24 0.69
CA TYR A 95 -9.92 21.01 1.15
C TYR A 95 -11.38 20.88 0.79
N LYS A 96 -11.91 21.86 0.04
CA LYS A 96 -13.33 21.90 -0.28
CA LYS A 96 -13.33 21.91 -0.31
C LYS A 96 -13.78 20.61 -0.96
N GLY A 97 -14.78 19.96 -0.41
CA GLY A 97 -15.38 18.80 -1.04
C GLY A 97 -14.50 17.55 -1.20
N VAL A 98 -13.34 17.48 -0.54
CA VAL A 98 -12.45 16.33 -0.77
C VAL A 98 -13.03 15.00 -0.28
N LEU A 99 -14.01 15.03 0.65
CA LEU A 99 -14.67 13.82 1.10
C LEU A 99 -16.13 13.74 0.63
N ALA A 100 -16.44 14.45 -0.44
CA ALA A 100 -17.80 14.55 -0.96
C ALA A 100 -18.50 13.20 -1.20
N THR A 101 -17.77 12.21 -1.71
CA THR A 101 -18.33 10.90 -2.02
C THR A 101 -17.63 9.75 -1.30
N ALA A 102 -17.00 10.05 -0.15
CA ALA A 102 -16.07 9.09 0.41
C ALA A 102 -16.77 7.89 0.97
N TYR A 103 -18.02 8.06 1.47
CA TYR A 103 -18.75 6.91 1.97
C TYR A 103 -19.29 6.03 0.82
N LEU A 104 -19.74 6.64 -0.25
CA LEU A 104 -20.14 5.86 -1.42
C LEU A 104 -18.96 5.02 -1.91
N ASP A 105 -17.78 5.64 -1.93
CA ASP A 105 -16.55 4.95 -2.33
C ASP A 105 -16.21 3.77 -1.42
N GLY A 106 -16.44 3.93 -0.10
CA GLY A 106 -16.28 2.85 0.85
C GLY A 106 -17.22 1.68 0.57
N VAL A 107 -18.47 1.97 0.21
CA VAL A 107 -19.35 0.87 -0.24
C VAL A 107 -18.80 0.24 -1.54
N ALA A 108 -18.35 1.06 -2.49
CA ALA A 108 -17.82 0.54 -3.76
C ALA A 108 -16.51 -0.29 -3.60
N ALA A 109 -15.79 -0.06 -2.50
CA ALA A 109 -14.58 -0.76 -2.15
C ALA A 109 -14.86 -1.93 -1.20
N GLY A 110 -16.09 -2.02 -0.66
CA GLY A 110 -16.42 -2.96 0.41
C GLY A 110 -15.72 -2.73 1.73
N THR A 111 -15.15 -1.54 1.93
CA THR A 111 -14.34 -1.26 3.15
C THR A 111 -15.24 -0.72 4.30
N GLN A 112 -16.48 -0.37 3.96
CA GLN A 112 -17.45 0.22 4.90
C GLN A 112 -18.76 -0.45 4.72
N PRO A 113 -19.52 -0.57 5.80
CA PRO A 113 -20.91 -0.95 5.59
C PRO A 113 -21.71 0.19 4.97
N TYR A 114 -22.97 -0.08 4.67
CA TYR A 114 -23.88 0.99 4.38
C TYR A 114 -24.23 1.69 5.69
N PHE A 115 -24.29 3.02 5.66
CA PHE A 115 -24.72 3.85 6.79
C PHE A 115 -26.04 4.47 6.36
N TYR A 116 -27.09 4.17 7.12
CA TYR A 116 -28.43 4.66 6.82
C TYR A 116 -29.02 5.36 8.02
N ASN A 117 -29.57 6.55 7.77
CA ASN A 117 -30.33 7.23 8.78
C ASN A 117 -31.80 7.23 8.39
N LEU A 118 -32.67 7.10 9.39
CA LEU A 118 -34.09 6.99 9.18
C LEU A 118 -34.81 8.06 10.00
N PHE A 119 -35.70 8.80 9.33
CA PHE A 119 -36.50 9.87 9.90
C PHE A 119 -37.96 9.41 9.78
N VAL A 120 -38.70 9.31 10.90
CA VAL A 120 -40.14 8.98 10.84
C VAL A 120 -40.88 10.10 11.57
N ARG A 121 -41.56 10.94 10.79
CA ARG A 121 -42.18 12.17 11.29
C ARG A 121 -43.64 11.92 11.60
N PHE A 122 -44.06 12.34 12.78
CA PHE A 122 -45.50 12.26 13.20
C PHE A 122 -45.99 13.62 13.61
N ALA A 123 -47.31 13.82 13.51
CA ALA A 123 -47.96 15.13 13.76
C ALA A 123 -47.80 15.65 15.18
N ASP A 124 -47.77 14.73 16.14
CA ASP A 124 -47.75 15.08 17.57
C ASP A 124 -47.40 13.82 18.33
N GLY A 125 -47.23 13.98 19.64
CA GLY A 125 -46.90 12.86 20.51
C GLY A 125 -47.92 11.73 20.54
N ARG A 126 -49.22 12.05 20.42
CA ARG A 126 -50.26 11.02 20.44
C ARG A 126 -50.13 10.10 19.21
N ALA A 127 -49.99 10.71 18.02
CA ALA A 127 -49.70 9.94 16.79
C ALA A 127 -48.46 9.06 16.92
N ALA A 128 -47.39 9.64 17.47
CA ALA A 128 -46.13 8.92 17.60
C ALA A 128 -46.28 7.73 18.54
N ARG A 129 -46.89 8.01 19.68
CA ARG A 129 -47.19 7.02 20.69
C ARG A 129 -48.06 5.87 20.16
N ALA A 130 -49.04 6.18 19.31
CA ALA A 130 -49.96 5.19 18.78
C ALA A 130 -49.36 4.32 17.70
N ALA A 131 -48.26 4.78 17.09
CA ALA A 131 -47.78 4.20 15.86
C ALA A 131 -47.19 2.82 16.06
N GLY A 132 -46.76 2.52 17.29
CA GLY A 132 -46.14 1.25 17.61
C GLY A 132 -44.85 1.03 16.81
N PHE A 133 -44.07 2.08 16.63
CA PHE A 133 -42.82 1.98 15.84
C PHE A 133 -41.77 1.03 16.42
N GLU A 134 -41.58 1.05 17.73
CA GLU A 134 -40.62 0.18 18.39
C GLU A 134 -40.88 -1.30 18.04
N ALA A 135 -42.16 -1.71 18.09
CA ALA A 135 -42.53 -3.06 17.67
C ALA A 135 -42.15 -3.35 16.21
N LEU A 136 -42.52 -2.42 15.35
CA LEU A 136 -42.24 -2.56 13.91
C LEU A 136 -40.71 -2.70 13.66
N PHE A 137 -39.95 -1.90 14.41
CA PHE A 137 -38.51 -1.87 14.28
C PHE A 137 -37.94 -3.18 14.78
N GLU A 138 -38.46 -3.66 15.91
CA GLU A 138 -37.97 -4.89 16.49
C GLU A 138 -38.25 -6.07 15.55
N THR A 139 -39.40 -6.04 14.89
CA THR A 139 -39.82 -7.18 14.10
C THR A 139 -39.10 -7.22 12.79
N HIS A 140 -39.00 -6.05 12.16
CA HIS A 140 -38.62 -5.98 10.76
C HIS A 140 -37.17 -5.55 10.52
N ILE A 141 -36.67 -4.63 11.34
CA ILE A 141 -35.36 -3.99 11.07
C ILE A 141 -34.25 -4.52 11.99
N HIS A 142 -34.48 -4.55 13.29
CA HIS A 142 -33.48 -4.97 14.25
C HIS A 142 -32.72 -6.26 13.88
N PRO A 143 -33.44 -7.28 13.38
CA PRO A 143 -32.71 -8.50 13.08
C PRO A 143 -31.68 -8.40 11.96
N LEU A 144 -31.77 -7.38 11.14
CA LEU A 144 -30.83 -7.18 10.05
C LEU A 144 -29.61 -6.37 10.42
N LEU A 145 -29.56 -5.83 11.63
CA LEU A 145 -28.44 -4.97 12.08
C LEU A 145 -27.31 -5.71 12.80
N HIS A 146 -26.80 -6.77 12.18
CA HIS A 146 -25.70 -7.52 12.70
C HIS A 146 -24.67 -7.63 11.58
N ALA A 147 -23.40 -7.71 11.96
CA ALA A 147 -22.33 -8.00 11.02
C ALA A 147 -22.29 -9.50 10.75
N ALA A 149 -20.46 -13.34 10.47
CA ALA A 149 -19.46 -14.22 11.07
C ALA A 149 -19.04 -15.24 10.01
N ASP A 154 -25.28 -13.79 12.53
CA ASP A 154 -24.00 -14.44 12.81
C ASP A 154 -23.13 -13.61 13.78
N GLY A 155 -22.64 -12.45 13.32
CA GLY A 155 -21.64 -11.64 14.06
C GLY A 155 -22.13 -10.55 15.02
N PRO A 156 -21.21 -9.68 15.46
CA PRO A 156 -21.64 -8.65 16.43
C PRO A 156 -22.80 -7.79 15.97
N GLU A 157 -23.64 -7.39 16.91
CA GLU A 157 -24.73 -6.48 16.63
C GLU A 157 -24.14 -5.10 16.43
N LEU A 158 -24.56 -4.46 15.33
CA LEU A 158 -24.19 -3.10 15.04
C LEU A 158 -25.23 -2.21 15.69
N LEU A 159 -24.87 -1.58 16.80
CA LEU A 159 -25.84 -0.78 17.60
C LEU A 159 -26.22 0.48 16.85
N ALA A 160 -27.50 0.83 16.92
CA ALA A 160 -28.03 1.98 16.24
C ALA A 160 -28.12 3.06 17.26
N TYR A 161 -27.89 4.29 16.81
CA TYR A 161 -28.24 5.47 17.57
C TYR A 161 -29.73 5.69 17.41
N ARG A 162 -30.45 5.90 18.51
CA ARG A 162 -31.90 6.11 18.47
CA ARG A 162 -31.89 6.13 18.47
C ARG A 162 -32.22 7.41 19.20
N ALA A 163 -33.10 8.22 18.61
CA ALA A 163 -33.57 9.44 19.26
C ALA A 163 -35.04 9.71 18.96
N VAL A 164 -35.60 10.61 19.77
CA VAL A 164 -36.80 11.34 19.42
C VAL A 164 -36.42 12.78 19.26
N LEU A 165 -36.75 13.39 18.11
CA LEU A 165 -36.33 14.75 17.77
C LEU A 165 -37.53 15.65 17.55
N GLN A 166 -37.43 16.91 18.03
CA GLN A 166 -38.39 17.98 17.76
C GLN A 166 -37.88 18.96 16.74
N SER A 167 -38.76 19.38 15.87
CA SER A 167 -38.45 20.34 14.82
C SER A 167 -38.66 21.74 15.37
N VAL A 168 -37.57 22.39 15.76
CA VAL A 168 -37.62 23.70 16.42
C VAL A 168 -38.09 24.82 15.51
N VAL A 169 -37.58 24.83 14.30
CA VAL A 169 -37.87 25.85 13.33
C VAL A 169 -37.41 25.26 11.99
N ALA A 170 -38.02 25.69 10.90
CA ALA A 170 -37.71 25.15 9.59
C ALA A 170 -37.86 26.28 8.59
N GLY A 171 -37.42 26.05 7.36
CA GLY A 171 -37.38 27.08 6.33
C GLY A 171 -37.03 26.51 4.97
N ASP A 172 -37.36 27.28 3.94
CA ASP A 172 -36.99 26.97 2.58
C ASP A 172 -36.63 28.28 1.85
N ARG A 173 -36.65 28.31 0.53
CA ARG A 173 -36.17 29.45 -0.21
C ARG A 173 -37.13 30.64 -0.18
N HIS A 174 -38.33 30.39 0.34
CA HIS A 174 -39.40 31.37 0.28
C HIS A 174 -39.92 31.85 1.62
N ALA A 175 -39.68 31.11 2.70
CA ALA A 175 -40.32 31.42 3.97
C ALA A 175 -39.66 30.69 5.11
N ILE A 176 -39.93 31.17 6.32
CA ILE A 176 -39.48 30.51 7.54
C ILE A 176 -40.73 30.04 8.31
N TYR A 177 -40.71 28.80 8.79
CA TYR A 177 -41.83 28.14 9.40
C TYR A 177 -41.58 28.01 10.89
N ARG A 178 -42.42 28.69 11.68
CA ARG A 178 -42.20 28.79 13.13
CA ARG A 178 -42.20 28.79 13.13
C ARG A 178 -43.31 28.15 13.97
N GLY A 179 -44.55 28.21 13.51
CA GLY A 179 -45.63 27.57 14.26
C GLY A 179 -45.70 26.07 14.09
N ALA A 180 -46.34 25.38 15.05
CA ALA A 180 -46.46 23.93 15.02
C ALA A 180 -47.10 23.44 13.71
N GLU A 181 -48.18 24.09 13.29
CA GLU A 181 -48.87 23.72 12.06
C GLU A 181 -48.06 24.09 10.75
N GLU A 182 -47.43 25.25 10.72
CA GLU A 182 -46.57 25.64 9.61
C GLU A 182 -45.41 24.58 9.43
N ILE A 183 -44.85 24.13 10.54
CA ILE A 183 -43.76 23.14 10.50
C ILE A 183 -44.30 21.76 10.08
N ARG A 184 -45.45 21.34 10.61
CA ARG A 184 -46.09 20.12 10.10
C ARG A 184 -46.23 20.13 8.58
N SER A 185 -46.73 21.24 8.07
CA SER A 185 -47.00 21.36 6.66
C SER A 185 -45.70 21.25 5.85
N PHE A 186 -44.67 21.94 6.33
CA PHE A 186 -43.31 21.80 5.75
C PHE A 186 -42.87 20.35 5.67
N LEU A 187 -43.05 19.61 6.77
CA LEU A 187 -42.72 18.20 6.85
C LEU A 187 -43.57 17.29 5.94
N ARG A 188 -44.75 17.78 5.55
CA ARG A 188 -45.61 17.03 4.64
C ARG A 188 -45.19 17.12 3.19
N ARG A 189 -44.37 18.12 2.81
CA ARG A 189 -43.88 18.30 1.44
C ARG A 189 -42.35 18.28 1.35
N PRO A 190 -41.73 17.17 1.74
CA PRO A 190 -40.26 17.16 1.70
C PRO A 190 -39.74 17.33 0.29
N VAL A 191 -38.67 18.09 0.11
CA VAL A 191 -38.10 18.33 -1.20
C VAL A 191 -37.20 17.19 -1.69
N GLU A 192 -36.78 16.32 -0.78
CA GLU A 192 -35.73 15.34 -1.11
C GLU A 192 -36.22 14.05 -1.76
N LEU A 193 -37.02 14.20 -2.80
CA LEU A 193 -37.47 13.07 -3.57
C LEU A 193 -36.23 12.43 -4.21
N PRO A 194 -36.07 11.10 -4.03
CA PRO A 194 -34.88 10.41 -4.49
C PRO A 194 -34.49 10.73 -5.95
N GLU A 195 -35.46 10.78 -6.85
CA GLU A 195 -35.12 10.99 -8.27
C GLU A 195 -34.49 12.36 -8.57
N ARG A 196 -34.66 13.33 -7.67
CA ARG A 196 -34.09 14.67 -7.83
CA ARG A 196 -34.08 14.65 -7.85
C ARG A 196 -32.58 14.71 -7.47
N GLU A 197 -32.08 13.62 -6.89
CA GLU A 197 -30.65 13.52 -6.54
C GLU A 197 -30.18 14.73 -5.72
N THR A 198 -31.01 15.19 -4.77
CA THR A 198 -30.56 16.17 -3.79
C THR A 198 -29.53 15.59 -2.83
N VAL A 199 -28.78 16.51 -2.24
CA VAL A 199 -27.80 16.17 -1.22
C VAL A 199 -28.25 16.72 0.12
N THR A 200 -28.46 15.83 1.08
CA THR A 200 -28.77 16.21 2.46
C THR A 200 -27.48 16.37 3.31
N VAL A 201 -27.49 17.38 4.18
CA VAL A 201 -26.51 17.50 5.23
C VAL A 201 -27.20 17.37 6.59
N GLU A 202 -26.50 16.77 7.54
CA GLU A 202 -26.88 16.76 8.92
C GLU A 202 -25.74 17.25 9.77
N ASN A 203 -25.86 18.48 10.21
CA ASN A 203 -24.82 19.07 11.04
C ASN A 203 -25.10 18.73 12.50
N HIS A 204 -24.28 17.85 13.04
CA HIS A 204 -24.45 17.33 14.38
C HIS A 204 -23.60 18.12 15.35
N VAL A 205 -24.24 18.65 16.39
CA VAL A 205 -23.52 19.32 17.47
C VAL A 205 -24.19 18.97 18.80
N VAL A 207 -24.61 21.06 22.58
CA VAL A 207 -24.50 22.31 23.30
CA VAL A 207 -24.40 22.28 23.31
C VAL A 207 -24.73 22.01 24.79
N PRO A 208 -24.07 22.76 25.72
CA PRO A 208 -24.34 22.51 27.12
C PRO A 208 -25.84 22.69 27.42
N GLU A 209 -26.39 21.76 28.18
CA GLU A 209 -27.83 21.74 28.53
C GLU A 209 -28.29 23.05 29.18
N ASP A 210 -27.45 23.64 30.02
CA ASP A 210 -27.79 24.90 30.67
C ASP A 210 -27.68 26.11 29.74
N LYS A 211 -27.18 25.90 28.53
CA LYS A 211 -27.08 26.99 27.56
C LYS A 211 -28.07 26.83 26.40
N HIS A 212 -28.66 25.65 26.22
CA HIS A 212 -29.43 25.35 25.00
C HIS A 212 -30.63 26.28 24.76
N ALA A 213 -31.35 26.68 25.80
CA ALA A 213 -32.56 27.53 25.63
C ALA A 213 -32.18 28.89 25.03
N ALA A 214 -31.14 29.48 25.58
CA ALA A 214 -30.63 30.77 25.14
C ALA A 214 -29.98 30.69 23.76
N TRP A 215 -29.46 29.52 23.43
CA TRP A 215 -28.79 29.33 22.15
C TRP A 215 -29.77 29.22 20.98
N GLU A 216 -30.92 28.59 21.20
CA GLU A 216 -31.84 28.32 20.09
C GLU A 216 -32.21 29.53 19.24
N PRO A 217 -32.46 30.69 19.86
CA PRO A 217 -32.79 31.88 19.07
C PRO A 217 -31.66 32.34 18.15
N GLN A 218 -30.42 32.06 18.55
CA GLN A 218 -29.28 32.38 17.71
C GLN A 218 -29.23 31.50 16.48
N VAL A 219 -29.56 30.23 16.66
CA VAL A 219 -29.58 29.26 15.53
C VAL A 219 -30.59 29.68 14.47
N ALA A 220 -31.65 30.38 14.88
CA ALA A 220 -32.74 30.68 13.95
C ALA A 220 -32.33 31.65 12.84
N ILE A 221 -31.38 32.55 13.10
CA ILE A 221 -30.80 33.42 12.05
C ILE A 221 -30.19 32.62 10.87
N LEU A 222 -29.70 31.42 11.14
CA LEU A 222 -29.23 30.54 10.05
C LEU A 222 -30.32 30.22 9.03
N LEU A 223 -31.59 30.21 9.48
CA LEU A 223 -32.67 29.99 8.53
C LEU A 223 -32.88 31.22 7.62
N GLN A 224 -32.69 32.42 8.15
CA GLN A 224 -32.76 33.63 7.31
C GLN A 224 -31.61 33.64 6.31
N VAL A 225 -30.40 33.33 6.78
CA VAL A 225 -29.26 33.17 5.85
C VAL A 225 -29.57 32.14 4.73
N ALA A 226 -30.10 30.98 5.11
CA ALA A 226 -30.44 29.93 4.14
C ALA A 226 -31.52 30.38 3.16
N GLN A 227 -32.52 31.12 3.65
CA GLN A 227 -33.59 31.59 2.77
C GLN A 227 -33.08 32.54 1.71
N ASP A 228 -32.12 33.39 2.11
CA ASP A 228 -31.79 34.58 1.34
C ASP A 228 -30.50 34.55 0.55
N THR A 229 -29.53 33.73 0.95
CA THR A 229 -28.17 33.85 0.42
C THR A 229 -27.87 32.86 -0.72
N PHE A 230 -27.24 33.42 -1.74
CA PHE A 230 -26.72 32.66 -2.87
C PHE A 230 -25.65 33.51 -3.60
N GLU A 231 -24.91 32.85 -4.48
CA GLU A 231 -23.88 33.49 -5.30
C GLU A 231 -23.97 33.00 -6.73
N PRO A 232 -23.81 33.90 -7.70
CA PRO A 232 -23.70 35.34 -7.56
C PRO A 232 -25.04 35.96 -7.13
N GLN A 233 -24.97 37.07 -6.41
CA GLN A 233 -26.18 37.65 -5.79
C GLN A 233 -27.16 38.25 -6.79
N ASP A 234 -26.66 38.56 -7.98
CA ASP A 234 -27.52 39.06 -9.03
C ASP A 234 -28.03 38.02 -10.02
N GLU A 235 -27.83 36.74 -9.74
CA GLU A 235 -28.23 35.68 -10.66
C GLU A 235 -29.73 35.85 -10.98
N PRO A 236 -30.10 35.88 -12.28
CA PRO A 236 -31.43 36.39 -12.63
C PRO A 236 -32.62 35.58 -12.13
N SER A 237 -32.48 34.26 -12.02
CA SER A 237 -33.58 33.42 -11.52
C SER A 237 -33.77 33.50 -10.01
N GLY A 238 -32.87 34.20 -9.32
CA GLY A 238 -32.96 34.40 -7.88
C GLY A 238 -32.62 33.24 -7.00
N VAL A 239 -31.84 32.28 -7.54
CA VAL A 239 -31.46 31.05 -6.87
CA VAL A 239 -31.42 31.13 -6.73
C VAL A 239 -29.91 30.94 -6.69
N GLY A 240 -29.18 31.48 -7.64
CA GLY A 240 -27.74 31.37 -7.72
C GLY A 240 -27.28 30.43 -8.80
N LEU A 241 -25.95 30.38 -9.03
CA LEU A 241 -25.32 29.44 -10.00
C LEU A 241 -24.74 28.20 -9.30
N PRO A 242 -24.70 27.04 -10.02
CA PRO A 242 -24.22 25.79 -9.41
C PRO A 242 -22.78 25.94 -8.94
N GLY A 243 -22.52 25.46 -7.74
CA GLY A 243 -21.18 25.47 -7.21
C GLY A 243 -20.31 24.48 -7.95
N ALA A 244 -19.02 24.74 -7.90
CA ALA A 244 -18.01 23.86 -8.44
C ALA A 244 -16.78 23.97 -7.58
N ARG A 245 -15.92 22.97 -7.66
CA ARG A 245 -14.65 23.06 -6.94
CA ARG A 245 -14.64 23.05 -6.95
C ARG A 245 -13.93 24.38 -7.21
N ASP A 246 -13.93 24.81 -8.47
CA ASP A 246 -13.17 25.99 -8.87
C ASP A 246 -13.96 27.31 -8.89
N ASN A 247 -15.10 27.40 -8.20
CA ASN A 247 -15.78 28.69 -8.06
C ASN A 247 -16.31 28.79 -6.63
N ARG A 248 -16.92 29.94 -6.31
CA ARG A 248 -17.56 30.17 -5.04
C ARG A 248 -19.07 30.41 -5.16
N TYR A 249 -19.60 30.05 -6.32
CA TYR A 249 -21.03 30.14 -6.57
C TYR A 249 -21.77 29.10 -5.79
N TYR A 250 -23.05 29.36 -5.52
CA TYR A 250 -23.94 28.32 -5.05
C TYR A 250 -25.41 28.76 -5.22
N ARG A 251 -26.24 27.77 -5.53
CA ARG A 251 -27.70 27.89 -5.40
C ARG A 251 -28.10 27.81 -3.93
N LYS A 252 -29.19 28.49 -3.57
CA LYS A 252 -29.72 28.41 -2.20
C LYS A 252 -29.95 26.99 -1.77
N ALA A 253 -29.86 26.77 -0.46
CA ALA A 253 -30.39 25.56 0.11
C ALA A 253 -31.84 25.38 -0.42
N LEU A 254 -32.24 24.13 -0.51
CA LEU A 254 -33.63 23.79 -0.85
C LEU A 254 -34.50 23.84 0.43
N SER A 255 -33.94 23.40 1.55
CA SER A 255 -34.67 23.38 2.83
C SER A 255 -33.70 23.27 3.99
N THR A 256 -34.10 23.84 5.13
CA THR A 256 -33.33 23.80 6.36
C THR A 256 -34.30 23.54 7.53
N GLU A 257 -33.88 22.68 8.44
CA GLU A 257 -34.67 22.27 9.60
C GLU A 257 -33.77 22.06 10.82
N ILE A 258 -34.13 22.72 11.92
CA ILE A 258 -33.40 22.58 13.19
C ILE A 258 -34.07 21.54 14.06
N LEU A 259 -33.37 20.43 14.29
CA LEU A 259 -33.85 19.33 15.10
C LEU A 259 -33.16 19.28 16.47
N ARG A 260 -33.96 19.28 17.53
CA ARG A 260 -33.45 19.19 18.90
C ARG A 260 -33.78 17.81 19.43
N ASN A 261 -32.83 17.18 20.10
CA ASN A 261 -33.13 15.93 20.81
C ASN A 261 -34.11 16.27 21.96
N ALA A 262 -35.20 15.51 22.05
CA ALA A 262 -36.26 15.80 23.03
C ALA A 262 -35.78 15.55 24.47
N HIS A 263 -34.67 14.83 24.61
CA HIS A 263 -34.13 14.48 25.88
C HIS A 263 -32.65 14.93 25.91
N ALA A 264 -32.27 15.61 26.98
CA ALA A 264 -30.89 15.98 27.21
C ALA A 264 -30.11 14.70 27.49
N ASP A 265 -28.85 14.67 27.06
CA ASP A 265 -27.95 13.59 27.46
C ASP A 265 -27.16 14.09 28.66
N GLY A 266 -27.77 14.06 29.84
CA GLY A 266 -27.14 14.63 31.04
C GLY A 266 -26.93 16.14 30.86
N GLY A 267 -25.68 16.59 30.94
CA GLY A 267 -25.40 18.02 30.74
C GLY A 267 -25.18 18.44 29.29
N LEU A 268 -25.49 17.55 28.32
CA LEU A 268 -25.41 17.90 26.91
C LEU A 268 -26.77 17.74 26.22
N ARG A 269 -27.05 18.65 25.31
CA ARG A 269 -28.24 18.60 24.43
C ARG A 269 -27.77 18.47 22.97
N ALA A 270 -28.22 17.39 22.32
CA ALA A 270 -27.90 17.14 20.93
C ALA A 270 -28.83 17.83 19.94
N TYR A 271 -28.25 18.40 18.89
CA TYR A 271 -28.99 19.00 17.78
C TYR A 271 -28.49 18.47 16.44
N ILE A 272 -29.40 18.49 15.46
CA ILE A 272 -29.02 18.27 14.05
C ILE A 272 -29.58 19.43 13.24
N HIS A 274 -30.45 20.10 9.80
CA HIS A 274 -30.79 19.24 8.71
C HIS A 274 -31.08 20.10 7.49
N GLY A 275 -30.22 19.99 6.49
CA GLY A 275 -30.31 20.80 5.29
C GLY A 275 -30.40 19.95 4.04
N VAL A 276 -31.05 20.46 3.00
CA VAL A 276 -31.11 19.79 1.69
C VAL A 276 -30.67 20.78 0.65
N TRP A 277 -29.76 20.32 -0.21
CA TRP A 277 -29.10 21.14 -1.20
C TRP A 277 -29.17 20.45 -2.53
N GLU A 278 -28.97 21.21 -3.61
CA GLU A 278 -28.91 20.59 -4.95
C GLU A 278 -27.62 19.80 -5.26
N SER A 279 -26.55 20.16 -4.56
CA SER A 279 -25.27 19.48 -4.71
C SER A 279 -24.33 19.69 -3.53
N VAL A 280 -23.32 18.83 -3.48
CA VAL A 280 -22.26 18.98 -2.48
CA VAL A 280 -22.24 18.98 -2.49
C VAL A 280 -21.56 20.35 -2.63
N TRP A 281 -21.31 20.76 -3.87
CA TRP A 281 -20.58 22.04 -4.08
C TRP A 281 -21.37 23.27 -3.63
N ASP A 282 -22.68 23.27 -3.82
CA ASP A 282 -23.50 24.35 -3.32
C ASP A 282 -23.30 24.44 -1.81
N HIS A 283 -23.40 23.31 -1.12
CA HIS A 283 -23.23 23.33 0.31
C HIS A 283 -21.85 23.87 0.72
N GLU A 284 -20.81 23.27 0.15
CA GLU A 284 -19.45 23.66 0.52
C GLU A 284 -19.20 25.15 0.26
N ASN A 285 -19.66 25.64 -0.89
CA ASN A 285 -19.48 27.06 -1.22
C ASN A 285 -20.30 27.98 -0.33
N SER A 286 -21.47 27.53 0.11
CA SER A 286 -22.30 28.31 1.07
C SER A 286 -21.56 28.62 2.36
N HIS A 287 -20.70 27.69 2.76
CA HIS A 287 -19.90 27.85 3.96
C HIS A 287 -18.77 28.89 3.84
N LEU A 288 -18.42 29.26 2.61
CA LEU A 288 -17.36 30.26 2.39
C LEU A 288 -17.87 31.66 2.29
N ASP A 289 -19.18 31.81 2.19
CA ASP A 289 -19.79 33.11 2.08
C ASP A 289 -19.65 33.86 3.38
N PRO A 290 -19.02 35.05 3.36
CA PRO A 290 -18.94 35.88 4.58
C PRO A 290 -20.26 36.10 5.33
N ARG A 291 -21.39 36.13 4.62
CA ARG A 291 -22.69 36.29 5.24
C ARG A 291 -23.02 35.11 6.14
N PHE A 292 -22.67 33.89 5.68
CA PHE A 292 -22.86 32.71 6.47
C PHE A 292 -21.89 32.69 7.65
N LEU A 293 -20.60 32.94 7.37
CA LEU A 293 -19.56 32.92 8.43
C LEU A 293 -19.93 33.85 9.58
N ALA A 294 -20.39 35.05 9.25
CA ALA A 294 -20.76 36.06 10.25
C ALA A 294 -21.89 35.56 11.13
N ALA A 295 -22.88 34.91 10.54
CA ALA A 295 -24.03 34.42 11.29
C ALA A 295 -23.73 33.14 12.08
N ALA A 296 -22.88 32.28 11.53
CA ALA A 296 -22.58 30.96 12.13
C ALA A 296 -21.61 31.06 13.29
N GLY A 297 -20.83 32.13 13.31
CA GLY A 297 -19.77 32.29 14.32
C GLY A 297 -20.28 32.21 15.74
N PRO A 298 -21.25 33.05 16.09
CA PRO A 298 -21.92 33.00 17.39
C PRO A 298 -22.61 31.67 17.67
N VAL A 299 -23.17 31.03 16.64
CA VAL A 299 -23.85 29.77 16.84
C VAL A 299 -22.84 28.67 17.17
N GLY A 300 -21.75 28.62 16.41
CA GLY A 300 -20.71 27.61 16.66
C GLY A 300 -19.98 27.80 17.99
N ALA A 301 -20.04 29.01 18.53
CA ALA A 301 -19.36 29.31 19.81
C ALA A 301 -19.84 28.42 20.98
N ALA A 302 -21.10 27.98 20.93
CA ALA A 302 -21.71 27.23 22.04
C ALA A 302 -21.58 25.72 21.87
N ALA A 303 -21.11 25.27 20.71
CA ALA A 303 -20.99 23.83 20.45
C ALA A 303 -19.78 23.29 21.15
N VAL A 304 -19.97 22.30 22.02
CA VAL A 304 -18.85 21.74 22.75
C VAL A 304 -18.50 20.35 22.24
N VAL A 305 -19.41 19.77 21.45
CA VAL A 305 -19.13 18.58 20.64
C VAL A 305 -19.59 18.87 19.21
N GLY A 306 -18.81 18.39 18.25
CA GLY A 306 -19.02 18.72 16.85
C GLY A 306 -18.45 20.06 16.47
N PRO A 307 -18.78 20.55 15.27
CA PRO A 307 -19.70 20.05 14.23
C PRO A 307 -19.11 18.95 13.41
N VAL A 308 -19.94 17.95 13.13
CA VAL A 308 -19.69 16.92 12.14
C VAL A 308 -20.93 16.95 11.23
N GLU A 309 -20.70 17.15 9.93
CA GLU A 309 -21.76 17.36 8.96
C GLU A 309 -21.57 16.52 7.72
N PRO A 310 -22.03 15.27 7.75
CA PRO A 310 -21.97 14.42 6.58
C PRO A 310 -22.97 14.81 5.51
N PHE A 311 -22.71 14.27 4.33
CA PHE A 311 -23.59 14.31 3.16
C PHE A 311 -24.40 13.02 3.08
N TYR A 312 -25.65 13.11 2.61
CA TYR A 312 -26.49 11.92 2.43
C TYR A 312 -27.25 12.03 1.13
N LEU A 313 -27.51 10.88 0.54
CA LEU A 313 -28.48 10.76 -0.54
C LEU A 313 -29.79 10.11 0.00
N THR A 314 -30.92 10.60 -0.47
CA THR A 314 -32.23 10.09 -0.02
C THR A 314 -32.59 8.91 -0.89
N ARG A 315 -32.67 7.73 -0.26
CA ARG A 315 -32.98 6.47 -0.92
C ARG A 315 -34.47 6.10 -0.89
N ARG A 316 -35.19 6.57 0.13
CA ARG A 316 -36.65 6.44 0.16
C ARG A 316 -37.22 7.71 0.75
N LEU A 317 -38.37 8.10 0.20
CA LEU A 317 -39.13 9.21 0.73
CA LEU A 317 -39.14 9.21 0.73
C LEU A 317 -40.61 8.83 0.61
N VAL A 318 -41.29 8.78 1.75
CA VAL A 318 -42.64 8.24 1.78
C VAL A 318 -43.50 9.26 2.51
N VAL A 319 -44.59 9.68 1.90
CA VAL A 319 -45.54 10.61 2.51
C VAL A 319 -46.86 9.88 2.86
N ALA A 320 -47.71 10.57 3.60
CA ALA A 320 -48.99 9.94 4.05
C ALA A 320 -49.88 9.65 2.84
N ASP A 321 -50.68 8.59 2.96
CA ASP A 321 -51.76 8.32 2.01
C ASP A 321 -52.79 9.44 2.13
N PHE B 22 -23.33 21.77 35.54
CA PHE B 22 -22.78 20.48 35.02
C PHE B 22 -21.26 20.50 34.92
N ASN B 23 -20.60 21.25 35.79
CA ASN B 23 -19.13 21.36 35.78
C ASN B 23 -18.49 20.21 36.57
N PRO B 24 -17.78 19.30 35.89
CA PRO B 24 -17.24 18.13 36.58
C PRO B 24 -16.01 18.43 37.45
N TRP B 25 -15.52 19.66 37.41
CA TRP B 25 -14.29 20.06 38.10
C TRP B 25 -14.50 20.67 39.46
N THR B 26 -15.73 21.00 39.83
CA THR B 26 -15.96 21.60 41.16
C THR B 26 -15.58 20.60 42.25
N ASP B 27 -15.31 21.10 43.45
CA ASP B 27 -15.00 20.22 44.58
C ASP B 27 -16.16 19.23 44.80
N ALA B 28 -17.40 19.74 44.71
CA ALA B 28 -18.57 18.90 44.87
C ALA B 28 -18.64 17.84 43.77
N ALA B 29 -18.37 18.23 42.52
CA ALA B 29 -18.39 17.24 41.43
C ALA B 29 -17.31 16.17 41.62
N LEU B 30 -16.11 16.59 42.00
CA LEU B 30 -15.03 15.63 42.19
C LEU B 30 -15.43 14.63 43.26
N ASP B 31 -15.94 15.17 44.36
CA ASP B 31 -16.44 14.37 45.48
C ASP B 31 -17.35 13.22 45.03
N THR B 32 -18.10 13.42 43.94
CA THR B 32 -19.05 12.41 43.47
C THR B 32 -18.48 11.19 42.74
N ILE B 33 -17.17 11.04 42.60
CA ILE B 33 -16.63 9.91 41.82
C ILE B 33 -16.47 8.64 42.69
N ARG B 34 -17.07 7.53 42.25
CA ARG B 34 -17.03 6.24 42.98
C ARG B 34 -15.62 5.69 43.13
N ASP B 35 -14.98 5.37 41.99
CA ASP B 35 -13.59 4.89 41.98
C ASP B 35 -12.60 6.08 41.96
N VAL B 36 -11.98 6.37 43.12
CA VAL B 36 -11.06 7.51 43.24
C VAL B 36 -9.63 7.14 43.66
N ASN B 37 -9.36 5.86 43.93
CA ASN B 37 -7.98 5.44 44.23
C ASN B 37 -7.24 5.01 42.96
N GLN B 38 -7.30 5.87 41.96
CA GLN B 38 -6.73 5.57 40.66
C GLN B 38 -6.56 6.89 39.97
N ALA B 39 -5.77 6.91 38.89
CA ALA B 39 -5.48 8.16 38.21
C ALA B 39 -6.77 8.85 37.78
N LEU B 40 -6.80 10.17 37.91
CA LEU B 40 -7.86 10.96 37.31
C LEU B 40 -7.24 12.03 36.44
N THR B 41 -7.86 12.29 35.29
CA THR B 41 -7.37 13.32 34.37
C THR B 41 -8.45 14.37 34.23
N LEU B 42 -8.11 15.59 34.59
CA LEU B 42 -8.93 16.74 34.26
C LEU B 42 -8.61 17.08 32.81
N TYR B 43 -9.66 17.17 32.00
CA TYR B 43 -9.57 17.22 30.54
C TYR B 43 -10.40 18.36 29.95
N ALA B 44 -9.81 19.12 29.03
CA ALA B 44 -10.51 20.19 28.34
C ALA B 44 -10.17 20.22 26.87
N GLU B 45 -11.18 20.50 26.06
CA GLU B 45 -11.03 20.84 24.63
C GLU B 45 -11.49 22.25 24.46
N ARG B 47 -10.94 26.24 22.19
CA ARG B 47 -10.58 27.03 21.03
C ARG B 47 -9.98 28.36 21.46
N VAL B 48 -8.92 28.80 20.77
CA VAL B 48 -8.19 30.02 21.15
C VAL B 48 -7.87 30.81 19.90
N VAL B 49 -8.34 32.05 19.85
CA VAL B 49 -8.13 32.84 18.66
C VAL B 49 -6.69 33.34 18.68
N PRO B 50 -6.14 33.65 17.50
CA PRO B 50 -4.74 34.07 17.40
C PRO B 50 -4.36 35.22 18.29
N ALA B 51 -5.28 36.18 18.47
CA ALA B 51 -5.01 37.36 19.30
C ALA B 51 -4.76 37.03 20.78
N HIS B 52 -5.22 35.86 21.25
CA HIS B 52 -5.01 35.42 22.63
C HIS B 52 -4.03 34.26 22.79
N HIS B 53 -3.38 33.87 21.69
CA HIS B 53 -2.62 32.66 21.69
C HIS B 53 -1.39 32.77 22.58
N ASP B 54 -0.64 33.85 22.44
CA ASP B 54 0.53 34.07 23.31
C ASP B 54 0.13 34.13 24.79
N ALA B 55 -0.91 34.90 25.08
CA ALA B 55 -1.42 34.98 26.44
C ALA B 55 -1.83 33.59 26.96
N PHE B 56 -2.47 32.78 26.11
CA PHE B 56 -2.94 31.45 26.48
C PHE B 56 -1.75 30.51 26.79
N LEU B 57 -0.70 30.56 25.99
CA LEU B 57 0.47 29.71 26.29
C LEU B 57 1.15 30.14 27.60
N ALA B 58 1.23 31.46 27.83
CA ALA B 58 1.73 31.95 29.11
C ALA B 58 0.86 31.47 30.30
N ALA B 59 -0.46 31.44 30.11
CA ALA B 59 -1.38 30.99 31.17
C ALA B 59 -1.18 29.47 31.44
N ILE B 60 -1.03 28.67 30.38
CA ILE B 60 -0.73 27.25 30.56
C ILE B 60 0.59 27.07 31.32
N ASP B 61 1.61 27.86 30.94
CA ASP B 61 2.90 27.80 31.67
C ASP B 61 2.81 28.19 33.15
N THR B 62 1.97 29.18 33.44
CA THR B 62 1.68 29.55 34.84
C THR B 62 0.98 28.39 35.58
N VAL B 63 -0.05 27.82 34.94
CA VAL B 63 -0.75 26.72 35.58
C VAL B 63 0.12 25.50 35.82
N SER B 64 0.91 25.15 34.82
CA SER B 64 1.78 23.99 34.96
C SER B 64 2.85 24.22 36.04
N ALA B 65 3.36 25.44 36.15
CA ALA B 65 4.34 25.72 37.20
C ALA B 65 3.71 25.57 38.60
N LYS B 66 2.44 25.99 38.72
CA LYS B 66 1.72 25.86 40.00
C LYS B 66 1.41 24.40 40.33
N LEU B 67 1.03 23.63 39.31
CA LEU B 67 0.59 22.25 39.52
C LEU B 67 1.73 21.27 39.74
N ARG B 68 2.86 21.48 39.07
CA ARG B 68 3.91 20.44 39.06
C ARG B 68 4.56 20.16 40.41
N VAL B 69 4.45 21.11 41.33
CA VAL B 69 5.01 21.00 42.67
C VAL B 69 4.03 20.36 43.67
N LEU B 70 2.81 20.05 43.22
CA LEU B 70 1.75 19.59 44.15
C LEU B 70 1.79 18.08 44.35
N PRO B 71 1.48 17.63 45.57
CA PRO B 71 1.42 16.19 45.86
C PRO B 71 0.42 15.49 44.96
N GLY B 72 0.84 14.39 44.34
CA GLY B 72 -0.04 13.62 43.50
C GLY B 72 -0.20 14.11 42.06
N PHE B 73 0.53 15.14 41.66
CA PHE B 73 0.50 15.58 40.26
C PHE B 73 1.34 14.56 39.49
N LEU B 74 0.82 14.09 38.36
CA LEU B 74 1.53 13.13 37.54
C LEU B 74 2.13 13.80 36.30
N SER B 75 1.30 14.44 35.50
CA SER B 75 1.75 15.09 34.27
C SER B 75 0.68 16.03 33.71
N LEU B 76 1.11 16.97 32.89
CA LEU B 76 0.19 17.83 32.14
C LEU B 76 0.67 17.81 30.68
N ALA B 77 -0.27 17.70 29.74
CA ALA B 77 0.02 17.75 28.30
C ALA B 77 -0.94 18.75 27.67
N LEU B 78 -0.41 19.67 26.90
CA LEU B 78 -1.19 20.54 26.05
C LEU B 78 -0.92 20.13 24.61
N LYS B 79 -1.98 19.79 23.89
CA LYS B 79 -1.88 19.26 22.52
C LYS B 79 -2.71 20.12 21.57
N GLN B 80 -2.11 20.51 20.45
CA GLN B 80 -2.80 21.31 19.45
C GLN B 80 -3.36 20.36 18.37
N SER B 82 -4.16 19.18 14.88
CA SER B 82 -3.35 19.47 13.70
C SER B 82 -3.97 18.95 12.40
N GLY B 83 -4.77 17.89 12.50
CA GLY B 83 -5.43 17.28 11.33
C GLY B 83 -6.52 16.34 11.80
N ASP B 84 -7.06 15.54 10.88
CA ASP B 84 -8.12 14.56 11.12
C ASP B 84 -7.75 13.22 10.43
N SER B 85 -7.89 12.13 11.13
CA SER B 85 -7.75 10.79 10.51
C SER B 85 -8.88 10.51 9.55
N THR B 86 -8.54 10.01 8.36
CA THR B 86 -9.53 9.45 7.42
C THR B 86 -9.53 7.93 7.47
N VAL B 88 -9.39 6.10 10.03
CA VAL B 88 -10.25 5.67 11.16
C VAL B 88 -11.67 5.28 10.68
N LYS B 89 -12.14 5.96 9.65
CA LYS B 89 -13.49 5.75 9.12
C LYS B 89 -13.54 4.59 8.13
N ASN B 90 -12.40 4.04 7.76
CA ASN B 90 -12.33 2.99 6.70
C ASN B 90 -12.79 3.45 5.32
N TYR B 91 -12.59 4.73 5.04
CA TYR B 91 -12.67 5.17 3.69
C TYR B 91 -11.61 4.39 2.86
N PRO B 92 -11.86 4.23 1.56
CA PRO B 92 -10.82 3.62 0.68
C PRO B 92 -9.46 4.32 0.77
N GLU B 93 -8.43 3.59 0.35
CA GLU B 93 -7.06 3.96 0.59
C GLU B 93 -6.69 5.28 -0.09
N THR B 94 -7.33 5.63 -1.19
CA THR B 94 -7.11 6.94 -1.84
C THR B 94 -7.25 8.13 -0.89
N TYR B 95 -8.06 7.98 0.16
CA TYR B 95 -8.30 9.04 1.14
C TYR B 95 -7.31 9.07 2.29
N LYS B 96 -6.35 8.12 2.30
CA LYS B 96 -5.38 8.02 3.40
C LYS B 96 -4.67 9.34 3.68
N GLY B 97 -4.82 9.83 4.91
CA GLY B 97 -4.12 11.00 5.38
C GLY B 97 -4.39 12.31 4.66
N VAL B 98 -5.46 12.39 3.86
CA VAL B 98 -5.73 13.63 3.12
C VAL B 98 -6.01 14.85 4.01
N LEU B 99 -6.36 14.65 5.28
CA LEU B 99 -6.60 15.76 6.25
C LEU B 99 -5.53 15.82 7.32
N ALA B 100 -4.39 15.18 7.05
CA ALA B 100 -3.30 15.08 8.05
C ALA B 100 -2.88 16.38 8.73
N THR B 101 -2.82 17.47 7.98
CA THR B 101 -2.38 18.75 8.53
C THR B 101 -3.42 19.85 8.32
N ALA B 102 -4.70 19.45 8.18
CA ALA B 102 -5.71 20.38 7.77
C ALA B 102 -5.97 21.48 8.78
N TYR B 103 -5.88 21.17 10.06
CA TYR B 103 -6.07 22.20 11.10
C TYR B 103 -4.85 23.15 11.23
N LEU B 104 -3.65 22.61 11.03
CA LEU B 104 -2.47 23.46 10.94
C LEU B 104 -2.62 24.46 9.80
N ASP B 105 -3.11 23.97 8.65
CA ASP B 105 -3.34 24.76 7.48
C ASP B 105 -4.40 25.83 7.70
N GLY B 106 -5.44 25.50 8.48
CA GLY B 106 -6.48 26.50 8.80
C GLY B 106 -5.93 27.67 9.66
N VAL B 107 -5.13 27.34 10.68
CA VAL B 107 -4.48 28.37 11.52
C VAL B 107 -3.63 29.27 10.61
N ALA B 108 -2.80 28.65 9.78
CA ALA B 108 -1.90 29.38 8.88
C ALA B 108 -2.64 30.25 7.88
N ALA B 109 -3.77 29.77 7.37
CA ALA B 109 -4.60 30.52 6.44
C ALA B 109 -5.50 31.54 7.10
N GLY B 110 -5.57 31.52 8.42
CA GLY B 110 -6.48 32.41 9.13
C GLY B 110 -7.97 32.01 9.09
N THR B 111 -8.28 30.76 8.79
CA THR B 111 -9.69 30.33 8.67
C THR B 111 -10.22 29.65 9.94
N GLN B 112 -9.34 29.34 10.88
CA GLN B 112 -9.70 28.61 12.09
C GLN B 112 -8.97 29.17 13.27
N PRO B 113 -9.58 29.11 14.47
CA PRO B 113 -8.79 29.36 15.65
C PRO B 113 -7.80 28.22 15.89
N TYR B 114 -6.96 28.34 16.93
CA TYR B 114 -6.22 27.19 17.44
C TYR B 114 -7.19 26.32 18.20
N PHE B 115 -7.04 25.00 18.04
CA PHE B 115 -7.73 24.00 18.87
C PHE B 115 -6.72 23.35 19.81
N TYR B 116 -6.97 23.46 21.11
CA TYR B 116 -6.09 22.90 22.10
C TYR B 116 -6.84 22.02 23.07
N ASN B 117 -6.26 20.85 23.32
CA ASN B 117 -6.74 19.94 24.33
C ASN B 117 -5.73 19.90 25.47
N LEU B 118 -6.26 19.87 26.68
CA LEU B 118 -5.42 19.93 27.87
C LEU B 118 -5.70 18.68 28.71
N PHE B 119 -4.63 17.99 29.10
CA PHE B 119 -4.73 16.84 29.98
C PHE B 119 -3.98 17.13 31.28
N VAL B 120 -4.67 17.06 32.42
CA VAL B 120 -4.02 17.23 33.71
C VAL B 120 -4.22 15.98 34.56
N ARG B 121 -3.16 15.21 34.76
CA ARG B 121 -3.23 13.89 35.40
C ARG B 121 -2.85 13.95 36.87
N PHE B 122 -3.71 13.37 37.73
CA PHE B 122 -3.45 13.24 39.17
C PHE B 122 -3.49 11.77 39.63
N ALA B 123 -2.81 11.48 40.73
CA ALA B 123 -2.67 10.10 41.25
C ALA B 123 -3.99 9.51 41.74
N ASP B 124 -4.86 10.35 42.27
CA ASP B 124 -6.13 9.90 42.87
C ASP B 124 -7.06 11.07 43.03
N GLY B 125 -8.26 10.80 43.56
CA GLY B 125 -9.25 11.85 43.75
C GLY B 125 -8.84 12.88 44.76
N ARG B 126 -8.15 12.44 45.83
CA ARG B 126 -7.67 13.36 46.85
C ARG B 126 -6.70 14.39 46.23
N ALA B 127 -5.72 13.89 45.49
CA ALA B 127 -4.77 14.77 44.80
C ALA B 127 -5.49 15.76 43.89
N ALA B 128 -6.44 15.28 43.09
CA ALA B 128 -7.16 16.15 42.12
C ALA B 128 -7.93 17.22 42.85
N ARG B 129 -8.63 16.83 43.91
CA ARG B 129 -9.38 17.82 44.71
C ARG B 129 -8.46 18.85 45.38
N ALA B 130 -7.33 18.39 45.90
CA ALA B 130 -6.43 19.31 46.58
C ALA B 130 -5.84 20.35 45.63
N ALA B 131 -5.80 20.06 44.32
CA ALA B 131 -5.13 20.91 43.34
C ALA B 131 -5.80 22.26 43.07
N GLY B 132 -7.13 22.35 43.26
CA GLY B 132 -7.85 23.60 43.00
C GLY B 132 -7.79 24.00 41.53
N PHE B 133 -7.93 23.01 40.65
CA PHE B 133 -7.78 23.27 39.23
C PHE B 133 -8.82 24.19 38.64
N GLU B 134 -10.04 24.07 39.12
CA GLU B 134 -11.12 24.92 38.62
C GLU B 134 -10.81 26.37 38.88
N ALA B 135 -10.27 26.68 40.05
CA ALA B 135 -9.93 28.05 40.36
C ALA B 135 -8.77 28.54 39.48
N LEU B 136 -7.76 27.70 39.26
CA LEU B 136 -6.67 28.05 38.32
C LEU B 136 -7.19 28.31 36.92
N PHE B 137 -8.08 27.43 36.45
CA PHE B 137 -8.66 27.58 35.11
C PHE B 137 -9.45 28.88 35.02
N GLU B 138 -10.29 29.11 36.03
CA GLU B 138 -11.13 30.30 36.02
C GLU B 138 -10.28 31.56 36.05
N THR B 139 -9.20 31.56 36.84
CA THR B 139 -8.31 32.71 36.95
C THR B 139 -7.50 32.94 35.69
N HIS B 140 -6.86 31.87 35.19
CA HIS B 140 -5.78 32.02 34.19
C HIS B 140 -6.19 31.70 32.74
N ILE B 141 -7.12 30.77 32.55
CA ILE B 141 -7.44 30.29 31.17
C ILE B 141 -8.77 30.83 30.62
N HIS B 142 -9.83 30.68 31.41
CA HIS B 142 -11.19 31.04 31.00
C HIS B 142 -11.29 32.43 30.37
N PRO B 143 -10.62 33.44 30.96
CA PRO B 143 -10.75 34.76 30.38
C PRO B 143 -10.25 34.87 28.96
N LEU B 144 -9.42 33.92 28.51
CA LEU B 144 -8.85 34.01 27.16
C LEU B 144 -9.66 33.23 26.11
N LEU B 145 -10.75 32.57 26.52
CA LEU B 145 -11.52 31.68 25.65
C LEU B 145 -12.71 32.40 25.00
N HIS B 146 -12.46 33.59 24.46
CA HIS B 146 -13.43 34.42 23.80
C HIS B 146 -12.94 34.76 22.40
N ALA B 147 -13.88 34.90 21.47
CA ALA B 147 -13.57 35.39 20.13
C ALA B 147 -13.39 36.91 20.16
N ALA B 149 -13.98 40.95 18.76
CA ALA B 149 -15.00 41.87 18.29
C ALA B 149 -14.46 42.63 17.08
N ASP B 154 -14.27 41.04 24.25
CA ASP B 154 -14.65 41.33 22.87
C ASP B 154 -15.87 40.48 22.41
N GLY B 155 -15.68 39.41 21.63
CA GLY B 155 -16.79 38.67 21.03
C GLY B 155 -17.38 37.56 21.89
N PRO B 156 -18.13 36.64 21.27
CA PRO B 156 -18.71 35.51 21.98
C PRO B 156 -17.70 34.58 22.65
N GLU B 157 -18.12 33.98 23.76
CA GLU B 157 -17.32 33.04 24.50
C GLU B 157 -17.28 31.74 23.73
N LEU B 158 -16.07 31.21 23.57
CA LEU B 158 -15.88 29.91 22.94
C LEU B 158 -15.90 28.85 24.05
N LEU B 159 -17.03 28.11 24.13
CA LEU B 159 -17.26 27.19 25.22
C LEU B 159 -16.33 25.99 25.10
N ALA B 160 -15.83 25.54 26.22
CA ALA B 160 -14.89 24.42 26.24
C ALA B 160 -15.63 23.17 26.64
N TYR B 161 -15.20 22.03 26.09
CA TYR B 161 -15.61 20.74 26.61
C TYR B 161 -14.75 20.42 27.81
N ARG B 162 -15.37 20.05 28.92
CA ARG B 162 -14.69 19.72 30.12
C ARG B 162 -15.08 18.35 30.65
N ALA B 163 -14.12 17.60 31.16
CA ALA B 163 -14.37 16.28 31.70
C ALA B 163 -13.37 15.86 32.76
N VAL B 164 -13.76 14.81 33.49
CA VAL B 164 -12.89 14.04 34.33
C VAL B 164 -12.87 12.66 33.72
N LEU B 165 -11.66 12.18 33.40
CA LEU B 165 -11.46 10.93 32.67
C LEU B 165 -10.69 9.95 33.55
N GLN B 166 -11.12 8.70 33.51
CA GLN B 166 -10.40 7.63 34.16
C GLN B 166 -9.62 6.82 33.11
N SER B 167 -8.43 6.38 33.51
CA SER B 167 -7.53 5.61 32.64
C SER B 167 -7.84 4.12 32.90
N VAL B 168 -8.59 3.50 32.00
CA VAL B 168 -9.06 2.12 32.20
C VAL B 168 -7.95 1.10 32.07
N VAL B 169 -7.09 1.28 31.06
CA VAL B 169 -6.00 0.36 30.73
C VAL B 169 -5.05 1.13 29.82
N ALA B 170 -3.77 0.81 29.88
CA ALA B 170 -2.80 1.53 29.06
C ALA B 170 -1.79 0.53 28.58
N GLY B 171 -0.97 0.94 27.64
CA GLY B 171 0.00 0.02 27.05
C GLY B 171 1.04 0.73 26.21
N ASP B 172 2.14 0.04 25.97
CA ASP B 172 3.17 0.50 25.02
C ASP B 172 3.71 -0.68 24.20
N ARG B 173 4.91 -0.53 23.65
CA ARG B 173 5.46 -1.54 22.78
C ARG B 173 5.89 -2.77 23.52
N HIS B 174 5.96 -2.67 24.86
CA HIS B 174 6.59 -3.64 25.71
C HIS B 174 5.65 -4.28 26.71
N ALA B 175 4.64 -3.54 27.18
CA ALA B 175 3.76 -4.04 28.23
C ALA B 175 2.38 -3.43 28.09
N ILE B 176 1.41 -4.09 28.71
CA ILE B 176 0.07 -3.53 28.94
C ILE B 176 -0.05 -3.29 30.45
N TYR B 177 -0.62 -2.15 30.83
CA TYR B 177 -0.73 -1.70 32.24
C TYR B 177 -2.17 -1.67 32.71
N ARG B 178 -2.46 -2.53 33.69
CA ARG B 178 -3.84 -2.76 34.12
C ARG B 178 -4.11 -2.33 35.55
N GLY B 179 -3.09 -2.36 36.41
CA GLY B 179 -3.26 -1.97 37.81
C GLY B 179 -3.25 -0.46 37.98
N ALA B 180 -3.89 0.01 39.05
CA ALA B 180 -3.91 1.45 39.34
C ALA B 180 -2.50 2.03 39.40
N GLU B 181 -1.58 1.35 40.09
CA GLU B 181 -0.20 1.86 40.21
C GLU B 181 0.61 1.77 38.93
N GLU B 182 0.52 0.65 38.22
CA GLU B 182 1.18 0.50 36.92
C GLU B 182 0.73 1.63 35.99
N ILE B 183 -0.57 1.91 36.00
CA ILE B 183 -1.12 2.95 35.13
C ILE B 183 -0.59 4.31 35.53
N ARG B 184 -0.51 4.59 36.84
CA ARG B 184 0.11 5.83 37.31
C ARG B 184 1.54 5.96 36.80
N SER B 185 2.31 4.87 36.89
CA SER B 185 3.70 4.88 36.44
CA SER B 185 3.70 4.92 36.44
C SER B 185 3.78 5.26 34.96
N PHE B 186 2.89 4.65 34.18
CA PHE B 186 2.76 4.98 32.74
C PHE B 186 2.54 6.48 32.51
N LEU B 187 1.66 7.08 33.31
CA LEU B 187 1.34 8.49 33.14
C LEU B 187 2.44 9.42 33.68
N ARG B 188 3.34 8.90 34.53
CA ARG B 188 4.44 9.70 35.03
C ARG B 188 5.52 9.90 33.98
N ARG B 189 5.61 8.98 33.02
CA ARG B 189 6.61 9.03 31.95
C ARG B 189 6.04 9.07 30.51
N PRO B 190 5.38 10.18 30.14
CA PRO B 190 4.79 10.18 28.81
C PRO B 190 5.87 10.25 27.72
N VAL B 191 5.59 9.59 26.60
CA VAL B 191 6.52 9.53 25.47
CA VAL B 191 6.56 9.55 25.51
C VAL B 191 6.51 10.80 24.64
N GLU B 192 5.41 11.54 24.71
CA GLU B 192 5.17 12.67 23.78
C GLU B 192 5.85 13.99 24.11
N LEU B 193 7.16 13.95 24.36
CA LEU B 193 7.94 15.17 24.51
CA LEU B 193 7.95 15.17 24.50
C LEU B 193 7.84 15.97 23.21
N PRO B 194 7.59 17.29 23.31
CA PRO B 194 7.38 18.06 22.08
C PRO B 194 8.52 17.93 21.07
N GLU B 195 9.75 17.89 21.57
CA GLU B 195 10.90 17.83 20.67
C GLU B 195 10.92 16.53 19.85
N ARG B 196 10.17 15.50 20.25
CA ARG B 196 10.16 14.24 19.50
CA ARG B 196 10.15 14.25 19.51
C ARG B 196 9.23 14.26 18.31
N GLU B 197 8.35 15.26 18.23
CA GLU B 197 7.43 15.42 17.10
C GLU B 197 6.57 14.21 16.85
N THR B 198 6.13 13.60 17.94
CA THR B 198 5.17 12.52 17.88
C THR B 198 3.81 13.08 17.43
N VAL B 199 2.97 12.20 16.93
CA VAL B 199 1.59 12.58 16.54
C VAL B 199 0.67 11.83 17.48
N THR B 200 -0.16 12.59 18.17
CA THR B 200 -1.15 12.00 19.01
C THR B 200 -2.48 11.84 18.27
N VAL B 201 -3.20 10.77 18.57
CA VAL B 201 -4.58 10.64 18.13
C VAL B 201 -5.51 10.49 19.36
N GLU B 202 -6.73 10.99 19.19
CA GLU B 202 -7.79 10.84 20.19
C GLU B 202 -9.00 10.30 19.46
N ASN B 203 -9.25 9.00 19.56
CA ASN B 203 -10.43 8.44 18.93
CA ASN B 203 -10.42 8.37 18.95
C ASN B 203 -11.61 8.59 19.88
N HIS B 204 -12.50 9.48 19.51
CA HIS B 204 -13.70 9.81 20.35
C HIS B 204 -14.88 8.96 19.91
N VAL B 205 -15.47 8.22 20.85
CA VAL B 205 -16.71 7.49 20.62
C VAL B 205 -17.61 7.59 21.87
N VAL B 207 -20.55 5.04 23.68
CA VAL B 207 -21.15 3.73 23.80
CA VAL B 207 -21.23 3.76 23.72
C VAL B 207 -22.45 3.88 24.65
N PRO B 208 -23.49 3.11 24.36
CA PRO B 208 -24.62 3.16 25.29
C PRO B 208 -24.23 2.80 26.74
N GLU B 209 -24.82 3.54 27.67
CA GLU B 209 -24.42 3.50 29.07
C GLU B 209 -24.68 2.13 29.63
N ASP B 210 -25.82 1.56 29.25
CA ASP B 210 -26.22 0.26 29.73
C ASP B 210 -25.34 -0.83 29.14
N LYS B 211 -24.52 -0.50 28.13
CA LYS B 211 -23.62 -1.47 27.50
C LYS B 211 -22.12 -1.31 27.84
N HIS B 212 -21.72 -0.21 28.45
CA HIS B 212 -20.29 0.13 28.52
C HIS B 212 -19.45 -0.86 29.34
N ALA B 213 -20.06 -1.42 30.40
CA ALA B 213 -19.33 -2.24 31.34
C ALA B 213 -18.93 -3.52 30.64
N ALA B 214 -19.86 -4.11 29.87
CA ALA B 214 -19.55 -5.29 29.06
C ALA B 214 -18.64 -4.98 27.88
N TRP B 215 -18.64 -3.74 27.40
CA TRP B 215 -17.81 -3.34 26.28
C TRP B 215 -16.32 -3.20 26.63
N GLU B 216 -16.02 -2.76 27.84
CA GLU B 216 -14.65 -2.37 28.19
C GLU B 216 -13.61 -3.49 28.00
N PRO B 217 -13.90 -4.72 28.45
CA PRO B 217 -13.00 -5.86 28.16
C PRO B 217 -12.68 -6.10 26.68
N GLN B 218 -13.64 -5.82 25.79
CA GLN B 218 -13.40 -5.96 24.36
C GLN B 218 -12.42 -4.92 23.83
N VAL B 219 -12.45 -3.72 24.40
CA VAL B 219 -11.54 -2.64 24.02
C VAL B 219 -10.09 -2.99 24.35
N ALA B 220 -9.88 -3.78 25.39
CA ALA B 220 -8.52 -4.08 25.86
C ALA B 220 -7.69 -4.87 24.83
N ILE B 221 -8.35 -5.63 23.95
CA ILE B 221 -7.68 -6.33 22.85
C ILE B 221 -6.90 -5.35 21.96
N LEU B 222 -7.41 -4.13 21.84
CA LEU B 222 -6.76 -3.09 21.04
C LEU B 222 -5.37 -2.75 21.61
N LEU B 223 -5.15 -2.91 22.92
CA LEU B 223 -3.82 -2.64 23.47
CA LEU B 223 -3.82 -2.67 23.51
C LEU B 223 -2.86 -3.75 23.07
N GLN B 224 -3.37 -4.97 22.93
CA GLN B 224 -2.53 -6.11 22.52
C GLN B 224 -2.15 -5.93 21.03
N VAL B 225 -3.11 -5.47 20.21
CA VAL B 225 -2.84 -5.22 18.80
C VAL B 225 -1.78 -4.11 18.68
N ALA B 226 -1.95 -3.04 19.44
CA ALA B 226 -1.00 -1.94 19.49
C ALA B 226 0.40 -2.36 19.96
N GLN B 227 0.48 -3.27 20.92
CA GLN B 227 1.77 -3.73 21.42
C GLN B 227 2.47 -4.52 20.34
N ASP B 228 1.69 -5.32 19.58
CA ASP B 228 2.33 -6.36 18.76
C ASP B 228 2.47 -6.08 17.26
N THR B 229 1.64 -5.22 16.69
CA THR B 229 1.47 -5.18 15.26
C THR B 229 2.27 -4.05 14.60
N PHE B 230 2.88 -4.39 13.47
CA PHE B 230 3.59 -3.45 12.66
C PHE B 230 3.75 -4.06 11.25
N GLU B 231 4.11 -3.21 10.30
CA GLU B 231 4.38 -3.63 8.91
C GLU B 231 5.69 -3.00 8.42
N PRO B 232 6.48 -3.76 7.64
CA PRO B 232 6.25 -5.14 7.25
C PRO B 232 6.56 -6.09 8.39
N GLN B 233 5.88 -7.23 8.42
CA GLN B 233 5.88 -8.04 9.63
C GLN B 233 7.19 -8.71 9.96
N ASP B 234 8.04 -8.92 8.95
CA ASP B 234 9.34 -9.53 9.17
C ASP B 234 10.46 -8.49 9.23
N GLU B 235 10.12 -7.21 9.42
CA GLU B 235 11.15 -6.22 9.67
C GLU B 235 12.02 -6.71 10.82
N PRO B 236 13.34 -6.78 10.58
CA PRO B 236 14.15 -7.56 11.51
C PRO B 236 14.33 -6.98 12.91
N SER B 237 14.18 -5.68 13.11
CA SER B 237 14.32 -5.12 14.45
C SER B 237 13.01 -5.22 15.26
N GLY B 238 11.95 -5.72 14.66
CA GLY B 238 10.66 -5.93 15.33
C GLY B 238 9.86 -4.69 15.68
N VAL B 239 10.03 -3.62 14.92
CA VAL B 239 9.37 -2.34 15.12
CA VAL B 239 9.24 -2.42 15.16
C VAL B 239 8.46 -1.95 13.95
N GLY B 240 8.89 -2.34 12.73
CA GLY B 240 8.24 -1.96 11.48
C GLY B 240 9.04 -0.89 10.78
N LEU B 241 8.61 -0.50 9.58
CA LEU B 241 9.21 0.61 8.83
C LEU B 241 8.26 1.83 8.84
N PRO B 242 8.81 3.05 8.64
CA PRO B 242 7.97 4.23 8.59
C PRO B 242 6.94 4.16 7.51
N GLY B 243 5.73 4.53 7.88
CA GLY B 243 4.65 4.70 6.93
C GLY B 243 4.88 5.86 5.99
N ALA B 244 4.25 5.76 4.83
CA ALA B 244 4.26 6.80 3.80
C ALA B 244 2.92 6.74 3.08
N ARG B 245 2.62 7.78 2.32
CA ARG B 245 1.42 7.77 1.50
C ARG B 245 1.40 6.56 0.57
N ASP B 246 2.57 6.19 0.03
CA ASP B 246 2.65 5.11 -0.97
C ASP B 246 3.29 3.82 -0.46
N ASN B 247 3.07 3.52 0.83
CA ASN B 247 3.28 2.18 1.34
C ASN B 247 2.18 1.84 2.39
N ARG B 248 2.12 0.59 2.84
CA ARG B 248 1.27 0.19 3.98
C ARG B 248 2.08 -0.14 5.21
N TYR B 249 3.33 0.30 5.21
CA TYR B 249 4.18 0.04 6.35
C TYR B 249 3.80 0.93 7.55
N TYR B 250 4.12 0.45 8.73
CA TYR B 250 4.09 1.33 9.89
C TYR B 250 4.90 0.79 11.05
N ARG B 251 5.48 1.71 11.79
CA ARG B 251 6.12 1.38 13.05
C ARG B 251 5.03 1.24 14.11
N LYS B 252 5.25 0.39 15.11
CA LYS B 252 4.31 0.25 16.24
C LYS B 252 3.88 1.59 16.81
N ALA B 253 2.67 1.66 17.37
CA ALA B 253 2.32 2.78 18.20
C ALA B 253 3.38 2.94 19.29
N LEU B 254 3.57 4.17 19.78
CA LEU B 254 4.42 4.42 20.95
C LEU B 254 3.70 4.12 22.25
N SER B 255 2.42 4.44 22.31
CA SER B 255 1.62 4.23 23.53
C SER B 255 0.15 4.28 23.20
N THR B 256 -0.67 3.60 24.02
CA THR B 256 -2.13 3.60 23.87
C THR B 256 -2.72 3.66 25.30
N GLU B 257 -3.74 4.49 25.48
CA GLU B 257 -4.39 4.70 26.77
C GLU B 257 -5.89 4.76 26.49
N ILE B 258 -6.67 3.94 27.20
CA ILE B 258 -8.15 4.00 27.10
C ILE B 258 -8.70 4.86 28.22
N LEU B 259 -9.39 5.95 27.87
CA LEU B 259 -9.92 6.92 28.81
C LEU B 259 -11.44 6.83 28.79
N ARG B 260 -12.01 6.66 29.98
CA ARG B 260 -13.48 6.62 30.15
C ARG B 260 -13.90 7.89 30.87
N ASN B 261 -14.89 8.60 30.35
CA ASN B 261 -15.48 9.70 31.08
C ASN B 261 -16.03 9.15 32.39
N ALA B 262 -15.70 9.81 33.51
CA ALA B 262 -16.05 9.35 34.84
C ALA B 262 -17.55 9.42 35.07
N HIS B 263 -18.25 10.26 34.30
CA HIS B 263 -19.71 10.42 34.38
C HIS B 263 -20.37 10.05 33.05
N ALA B 264 -21.51 9.35 33.12
CA ALA B 264 -22.34 9.08 31.95
C ALA B 264 -22.98 10.39 31.56
N ASP B 265 -23.17 10.61 30.26
CA ASP B 265 -24.02 11.70 29.72
C ASP B 265 -25.37 11.10 29.42
N GLY B 266 -26.19 10.96 30.46
CA GLY B 266 -27.44 10.25 30.35
C GLY B 266 -27.28 8.77 29.98
N GLY B 267 -27.84 8.39 28.86
CA GLY B 267 -27.74 6.99 28.39
C GLY B 267 -26.51 6.73 27.50
N LEU B 268 -25.58 7.67 27.48
CA LEU B 268 -24.36 7.59 26.70
C LEU B 268 -23.11 7.71 27.57
N ARG B 269 -22.06 6.95 27.26
CA ARG B 269 -20.79 6.99 27.99
C ARG B 269 -19.69 7.28 26.97
N ALA B 270 -18.97 8.38 27.21
CA ALA B 270 -17.96 8.83 26.29
C ALA B 270 -16.60 8.19 26.64
N TYR B 271 -15.90 7.84 25.58
CA TYR B 271 -14.54 7.35 25.69
C TYR B 271 -13.61 8.07 24.72
N ILE B 272 -12.34 8.09 25.08
CA ILE B 272 -11.26 8.50 24.20
C ILE B 272 -10.15 7.46 24.18
N HIS B 274 -6.65 7.13 23.33
CA HIS B 274 -5.57 8.13 23.21
C HIS B 274 -4.29 7.36 22.81
N GLY B 275 -3.84 7.61 21.61
CA GLY B 275 -2.68 6.91 21.08
C GLY B 275 -1.60 7.90 20.68
N VAL B 276 -0.35 7.47 20.79
CA VAL B 276 0.75 8.30 20.36
C VAL B 276 1.55 7.49 19.34
N TRP B 277 1.89 8.15 18.24
CA TRP B 277 2.54 7.52 17.08
C TRP B 277 3.77 8.33 16.66
N GLU B 278 4.67 7.68 15.94
CA GLU B 278 5.83 8.39 15.38
C GLU B 278 5.45 9.33 14.25
N SER B 279 4.37 9.02 13.52
CA SER B 279 3.94 9.84 12.39
C SER B 279 2.47 9.61 12.05
N VAL B 280 1.89 10.56 11.31
CA VAL B 280 0.52 10.39 10.82
CA VAL B 280 0.53 10.42 10.81
C VAL B 280 0.41 9.15 9.95
N TRP B 281 1.39 8.91 9.07
CA TRP B 281 1.35 7.76 8.17
C TRP B 281 1.38 6.43 8.92
N ASP B 282 2.13 6.35 10.03
CA ASP B 282 2.14 5.10 10.81
C ASP B 282 0.71 4.84 11.28
N HIS B 283 0.09 5.86 11.85
CA HIS B 283 -1.29 5.65 12.34
C HIS B 283 -2.28 5.26 11.21
N GLU B 284 -2.28 6.03 10.11
CA GLU B 284 -3.18 5.71 9.00
C GLU B 284 -2.98 4.29 8.50
N ASN B 285 -1.72 3.85 8.33
CA ASN B 285 -1.45 2.53 7.79
C ASN B 285 -1.83 1.46 8.80
N SER B 286 -1.75 1.76 10.10
CA SER B 286 -2.11 0.78 11.13
C SER B 286 -3.56 0.40 11.01
N HIS B 287 -4.38 1.33 10.49
CA HIS B 287 -5.82 1.10 10.31
C HIS B 287 -6.15 0.22 9.13
N LEU B 288 -5.20 0.07 8.21
CA LEU B 288 -5.40 -0.82 7.06
C LEU B 288 -5.00 -2.27 7.27
N ASP B 289 -4.35 -2.56 8.39
CA ASP B 289 -3.88 -3.91 8.71
C ASP B 289 -5.10 -4.80 9.06
N PRO B 290 -5.27 -5.93 8.37
CA PRO B 290 -6.37 -6.84 8.70
C PRO B 290 -6.40 -7.27 10.17
N ARG B 291 -5.23 -7.27 10.83
CA ARG B 291 -5.18 -7.66 12.21
C ARG B 291 -5.84 -6.60 13.08
N PHE B 292 -5.67 -5.35 12.69
CA PHE B 292 -6.36 -4.30 13.41
C PHE B 292 -7.87 -4.33 13.10
N LEU B 293 -8.21 -4.46 11.82
CA LEU B 293 -9.63 -4.49 11.40
C LEU B 293 -10.40 -5.63 12.11
N ALA B 294 -9.76 -6.80 12.24
CA ALA B 294 -10.39 -7.95 12.91
C ALA B 294 -10.72 -7.69 14.38
N ALA B 295 -9.80 -7.07 15.13
CA ALA B 295 -10.02 -6.69 16.51
C ALA B 295 -10.94 -5.50 16.68
N ALA B 296 -10.84 -4.52 15.80
CA ALA B 296 -11.64 -3.33 15.95
C ALA B 296 -13.13 -3.48 15.62
N GLY B 297 -13.47 -4.45 14.78
CA GLY B 297 -14.82 -4.56 14.25
C GLY B 297 -15.79 -4.72 15.41
N PRO B 298 -15.56 -5.72 16.24
CA PRO B 298 -16.40 -5.94 17.42
C PRO B 298 -16.43 -4.78 18.35
N VAL B 299 -15.30 -4.09 18.51
CA VAL B 299 -15.25 -2.94 19.40
C VAL B 299 -16.10 -1.82 18.86
N GLY B 300 -15.97 -1.53 17.57
CA GLY B 300 -16.72 -0.44 16.98
C GLY B 300 -18.22 -0.68 16.82
N ALA B 301 -18.61 -1.94 16.85
CA ALA B 301 -20.02 -2.34 16.73
C ALA B 301 -20.88 -1.68 17.81
N ALA B 302 -20.29 -1.43 18.98
CA ALA B 302 -21.01 -0.80 20.09
C ALA B 302 -20.96 0.73 20.11
N ALA B 303 -20.16 1.36 19.26
CA ALA B 303 -20.12 2.84 19.23
C ALA B 303 -21.36 3.37 18.51
N VAL B 304 -22.15 4.20 19.17
CA VAL B 304 -23.33 4.81 18.54
C VAL B 304 -23.09 6.26 18.18
N VAL B 305 -21.98 6.81 18.66
CA VAL B 305 -21.53 8.15 18.23
C VAL B 305 -20.01 8.05 17.96
N GLY B 306 -19.58 8.68 16.86
CA GLY B 306 -18.18 8.55 16.37
C GLY B 306 -18.01 7.29 15.53
N PRO B 307 -16.77 6.87 15.27
CA PRO B 307 -15.51 7.41 15.78
C PRO B 307 -15.12 8.70 15.07
N VAL B 308 -14.59 9.65 15.82
CA VAL B 308 -13.92 10.84 15.28
C VAL B 308 -12.51 10.80 15.89
N GLU B 309 -11.47 10.79 15.05
CA GLU B 309 -10.11 10.61 15.57
C GLU B 309 -9.16 11.64 14.97
N PRO B 310 -9.09 12.82 15.59
CA PRO B 310 -8.12 13.83 15.11
C PRO B 310 -6.68 13.51 15.43
N PHE B 311 -5.79 14.21 14.72
CA PHE B 311 -4.35 14.26 15.01
C PHE B 311 -4.02 15.51 15.82
N TYR B 312 -3.00 15.39 16.67
CA TYR B 312 -2.53 16.47 17.52
C TYR B 312 -1.03 16.44 17.65
N LEU B 313 -0.46 17.64 17.80
CA LEU B 313 0.96 17.79 18.15
C LEU B 313 1.06 18.27 19.60
N THR B 314 1.97 17.68 20.37
CA THR B 314 2.14 18.06 21.76
C THR B 314 3.01 19.30 21.86
N ARG B 315 2.45 20.34 22.45
CA ARG B 315 3.08 21.66 22.56
C ARG B 315 3.64 21.95 23.94
N ARG B 316 3.09 21.29 24.97
CA ARG B 316 3.69 21.26 26.29
C ARG B 316 3.54 19.89 26.91
N LEU B 317 4.56 19.49 27.67
CA LEU B 317 4.52 18.26 28.44
CA LEU B 317 4.52 18.27 28.43
C LEU B 317 5.31 18.48 29.72
N VAL B 318 4.62 18.38 30.86
CA VAL B 318 5.22 18.66 32.15
C VAL B 318 5.05 17.49 33.08
N VAL B 319 6.13 17.04 33.72
CA VAL B 319 5.97 15.99 34.72
C VAL B 319 6.26 16.56 36.09
N ALA B 320 6.06 15.74 37.11
CA ALA B 320 6.11 16.20 38.49
C ALA B 320 7.56 16.55 38.82
N ASP B 321 7.75 17.57 39.63
CA ASP B 321 9.06 17.89 40.16
C ASP B 321 9.52 16.73 41.03
N ALA C 21 20.96 -35.87 -12.08
CA ALA C 21 22.28 -35.45 -11.53
C ALA C 21 22.51 -33.96 -11.80
N PHE C 22 23.28 -33.66 -12.84
CA PHE C 22 23.67 -32.30 -13.22
C PHE C 22 24.42 -31.55 -12.09
N ASN C 23 25.06 -32.24 -11.17
CA ASN C 23 25.89 -31.59 -10.15
C ASN C 23 27.37 -31.47 -10.60
N PRO C 24 27.83 -30.25 -10.97
CA PRO C 24 29.19 -30.06 -11.48
C PRO C 24 30.29 -30.20 -10.45
N TRP C 25 29.94 -30.44 -9.18
CA TRP C 25 30.93 -30.48 -8.12
C TRP C 25 31.29 -31.88 -7.67
N THR C 26 30.61 -32.90 -8.20
CA THR C 26 30.93 -34.29 -7.85
C THR C 26 32.33 -34.63 -8.35
N ASP C 27 32.92 -35.67 -7.77
CA ASP C 27 34.22 -36.17 -8.20
C ASP C 27 34.22 -36.50 -9.69
N ALA C 28 33.22 -37.27 -10.12
CA ALA C 28 33.07 -37.62 -11.54
C ALA C 28 32.94 -36.36 -12.39
N ALA C 29 32.13 -35.38 -11.96
CA ALA C 29 32.01 -34.14 -12.76
C ALA C 29 33.34 -33.36 -12.82
N LEU C 30 34.02 -33.25 -11.69
CA LEU C 30 35.32 -32.58 -11.65
C LEU C 30 36.41 -33.40 -12.38
N ASP C 31 36.27 -34.72 -12.42
CA ASP C 31 37.21 -35.53 -13.21
C ASP C 31 37.14 -35.10 -14.65
N THR C 32 35.94 -34.82 -15.17
CA THR C 32 35.86 -34.35 -16.55
C THR C 32 36.63 -33.03 -16.82
N ILE C 33 37.20 -32.40 -15.77
CA ILE C 33 38.06 -31.22 -15.97
C ILE C 33 39.37 -31.24 -15.11
N ARG C 34 39.71 -32.40 -14.55
CA ARG C 34 40.86 -32.54 -13.65
C ARG C 34 42.21 -32.21 -14.33
N ASP C 35 42.30 -32.42 -15.64
CA ASP C 35 43.51 -32.10 -16.43
C ASP C 35 43.53 -30.63 -16.90
N VAL C 36 42.50 -29.86 -16.54
CA VAL C 36 42.48 -28.46 -16.93
C VAL C 36 43.46 -27.75 -16.00
N ASN C 37 44.49 -27.23 -16.63
CA ASN C 37 45.62 -26.63 -15.97
C ASN C 37 45.47 -25.12 -15.98
N GLN C 38 44.44 -24.67 -15.28
CA GLN C 38 44.15 -23.27 -15.15
C GLN C 38 43.21 -23.17 -13.98
N ALA C 39 43.03 -21.95 -13.51
CA ALA C 39 42.23 -21.68 -12.32
C ALA C 39 40.81 -22.21 -12.53
N LEU C 40 40.24 -22.86 -11.52
CA LEU C 40 38.83 -23.25 -11.58
C LEU C 40 38.11 -22.72 -10.37
N THR C 41 36.90 -22.20 -10.57
CA THR C 41 36.15 -21.58 -9.49
C THR C 41 34.91 -22.42 -9.26
N LEU C 42 34.75 -22.92 -8.04
CA LEU C 42 33.53 -23.56 -7.68
C LEU C 42 32.61 -22.43 -7.19
N TYR C 43 31.43 -22.36 -7.79
CA TYR C 43 30.57 -21.19 -7.70
C TYR C 43 29.18 -21.59 -7.34
N ALA C 44 28.56 -20.85 -6.40
CA ALA C 44 27.17 -21.04 -6.02
C ALA C 44 26.47 -19.70 -5.84
N GLU C 45 25.20 -19.67 -6.22
CA GLU C 45 24.26 -18.57 -5.92
C GLU C 45 23.18 -19.17 -5.03
N ARG C 47 20.18 -18.54 -1.62
CA ARG C 47 19.25 -17.74 -0.84
C ARG C 47 19.23 -18.33 0.60
N VAL C 48 19.28 -17.44 1.56
CA VAL C 48 19.38 -17.77 2.96
C VAL C 48 18.36 -16.94 3.74
N VAL C 49 17.46 -17.60 4.45
CA VAL C 49 16.46 -16.85 5.21
C VAL C 49 17.08 -16.30 6.50
N PRO C 50 16.52 -15.21 7.03
CA PRO C 50 17.13 -14.59 8.20
C PRO C 50 17.26 -15.52 9.39
N ALA C 51 16.30 -16.43 9.56
CA ALA C 51 16.36 -17.41 10.65
C ALA C 51 17.56 -18.37 10.54
N HIS C 52 18.13 -18.55 9.34
CA HIS C 52 19.36 -19.36 9.19
C HIS C 52 20.62 -18.56 8.91
N HIS C 53 20.54 -17.23 9.01
CA HIS C 53 21.61 -16.38 8.52
C HIS C 53 22.88 -16.52 9.34
N ASP C 54 22.77 -16.35 10.65
CA ASP C 54 23.95 -16.55 11.50
C ASP C 54 24.59 -17.94 11.35
N ALA C 55 23.77 -18.99 11.30
CA ALA C 55 24.31 -20.36 11.12
C ALA C 55 24.99 -20.50 9.74
N PHE C 56 24.42 -19.83 8.74
CA PHE C 56 24.99 -19.86 7.39
C PHE C 56 26.38 -19.22 7.38
N LEU C 57 26.52 -18.06 8.01
CA LEU C 57 27.81 -17.42 8.07
C LEU C 57 28.80 -18.26 8.88
N ALA C 58 28.32 -18.90 9.96
CA ALA C 58 29.17 -19.88 10.71
C ALA C 58 29.65 -21.01 9.82
N ALA C 59 28.74 -21.50 8.96
CA ALA C 59 29.05 -22.58 8.05
C ALA C 59 30.11 -22.17 7.04
N ILE C 60 30.00 -20.95 6.50
CA ILE C 60 31.00 -20.41 5.55
C ILE C 60 32.38 -20.25 6.21
N ASP C 61 32.38 -19.78 7.44
CA ASP C 61 33.65 -19.61 8.16
C ASP C 61 34.28 -20.96 8.50
N THR C 62 33.47 -21.96 8.85
CA THR C 62 33.94 -23.32 9.10
C THR C 62 34.60 -23.91 7.82
N VAL C 63 33.90 -23.79 6.70
CA VAL C 63 34.37 -24.29 5.42
C VAL C 63 35.63 -23.57 4.95
N SER C 64 35.64 -22.24 5.04
CA SER C 64 36.79 -21.50 4.59
CA SER C 64 36.79 -21.40 4.70
C SER C 64 38.04 -21.81 5.42
N ALA C 65 37.89 -22.08 6.72
CA ALA C 65 39.05 -22.41 7.53
C ALA C 65 39.66 -23.73 7.03
N LYS C 66 38.77 -24.63 6.61
CA LYS C 66 39.20 -25.96 6.13
C LYS C 66 39.86 -25.86 4.77
N LEU C 67 39.27 -25.04 3.88
CA LEU C 67 39.76 -24.93 2.52
C LEU C 67 41.05 -24.16 2.41
N ARG C 68 41.22 -23.12 3.24
CA ARG C 68 42.32 -22.19 2.97
C ARG C 68 43.70 -22.74 3.18
N VAL C 69 43.80 -23.86 3.90
CA VAL C 69 45.07 -24.53 4.14
C VAL C 69 45.46 -25.57 3.09
N LEU C 70 44.60 -25.80 2.09
CA LEU C 70 44.82 -26.89 1.14
C LEU C 70 45.72 -26.49 -0.01
N PRO C 71 46.47 -27.47 -0.56
CA PRO C 71 47.27 -27.21 -1.75
C PRO C 71 46.41 -26.72 -2.90
N GLY C 72 46.85 -25.66 -3.56
CA GLY C 72 46.18 -25.12 -4.71
C GLY C 72 45.01 -24.17 -4.43
N PHE C 73 44.70 -23.93 -3.15
CA PHE C 73 43.69 -22.92 -2.78
C PHE C 73 44.21 -21.55 -3.16
N LEU C 74 43.42 -20.76 -3.89
CA LEU C 74 43.80 -19.40 -4.21
C LEU C 74 43.04 -18.37 -3.35
N SER C 75 41.72 -18.45 -3.35
CA SER C 75 40.88 -17.53 -2.58
C SER C 75 39.45 -18.03 -2.51
N LEU C 76 38.73 -17.50 -1.51
CA LEU C 76 37.32 -17.71 -1.39
C LEU C 76 36.65 -16.35 -1.13
N ALA C 77 35.53 -16.08 -1.80
CA ALA C 77 34.77 -14.87 -1.60
C ALA C 77 33.33 -15.20 -1.38
N LEU C 78 32.74 -14.57 -0.36
CA LEU C 78 31.30 -14.63 -0.11
C LEU C 78 30.76 -13.21 -0.31
N LYS C 79 29.83 -13.07 -1.26
CA LYS C 79 29.36 -11.75 -1.67
C LYS C 79 27.83 -11.71 -1.50
N GLN C 80 27.35 -10.64 -0.86
CA GLN C 80 25.91 -10.47 -0.69
C GLN C 80 25.33 -9.54 -1.76
N SER C 82 23.33 -6.77 -3.18
CA SER C 82 22.94 -5.52 -2.55
C SER C 82 22.01 -4.66 -3.37
N GLY C 83 22.08 -4.80 -4.69
CA GLY C 83 21.29 -3.95 -5.57
C GLY C 83 21.37 -4.48 -7.00
N ASP C 84 20.86 -3.69 -7.93
CA ASP C 84 20.78 -4.09 -9.36
C ASP C 84 21.17 -2.89 -10.23
N SER C 85 22.05 -3.12 -11.21
CA SER C 85 22.43 -2.05 -12.16
C SER C 85 21.26 -1.77 -13.08
N THR C 86 21.00 -0.51 -13.34
CA THR C 86 20.04 -0.17 -14.35
C THR C 86 20.81 0.34 -15.60
N VAL C 88 23.38 -0.94 -16.95
CA VAL C 88 23.65 -2.11 -17.77
C VAL C 88 22.62 -2.28 -18.90
N LYS C 89 21.35 -1.92 -18.66
CA LYS C 89 20.30 -2.09 -19.66
C LYS C 89 20.27 -0.94 -20.67
N ASN C 90 21.03 0.11 -20.40
CA ASN C 90 21.01 1.33 -21.19
C ASN C 90 19.66 2.05 -21.16
N TYR C 91 18.96 1.94 -20.02
CA TYR C 91 17.84 2.85 -19.78
C TYR C 91 18.40 4.25 -19.80
N PRO C 92 17.55 5.25 -20.02
CA PRO C 92 17.95 6.64 -19.87
C PRO C 92 18.59 6.95 -18.49
N GLU C 93 19.53 7.90 -18.48
CA GLU C 93 20.29 8.31 -17.31
CA GLU C 93 20.29 8.26 -17.29
C GLU C 93 19.41 8.66 -16.11
N THR C 94 18.17 9.08 -16.35
CA THR C 94 17.25 9.36 -15.25
CA THR C 94 17.30 9.36 -15.21
C THR C 94 17.10 8.15 -14.32
N TYR C 95 17.30 6.93 -14.87
CA TYR C 95 17.19 5.67 -14.13
C TYR C 95 18.49 5.19 -13.48
N LYS C 96 19.56 5.95 -13.64
CA LYS C 96 20.89 5.62 -13.12
CA LYS C 96 20.88 5.61 -13.11
C LYS C 96 20.83 5.27 -11.63
N GLY C 97 21.29 4.07 -11.27
CA GLY C 97 21.41 3.68 -9.87
C GLY C 97 20.14 3.65 -9.02
N VAL C 98 18.96 3.66 -9.65
CA VAL C 98 17.74 3.70 -8.84
C VAL C 98 17.52 2.43 -8.01
N LEU C 99 18.16 1.33 -8.39
CA LEU C 99 18.11 0.08 -7.62
C LEU C 99 19.41 -0.24 -6.87
N ALA C 100 20.24 0.77 -6.66
CA ALA C 100 21.61 0.56 -6.15
C ALA C 100 21.67 -0.23 -4.83
N THR C 101 20.70 -0.04 -3.94
CA THR C 101 20.70 -0.68 -2.61
C THR C 101 19.41 -1.44 -2.37
N ALA C 102 18.70 -1.78 -3.43
CA ALA C 102 17.36 -2.31 -3.31
C ALA C 102 17.33 -3.68 -2.58
N TYR C 103 18.33 -4.54 -2.78
CA TYR C 103 18.38 -5.84 -2.05
C TYR C 103 18.74 -5.67 -0.56
N LEU C 104 19.66 -4.76 -0.25
CA LEU C 104 19.90 -4.39 1.16
C LEU C 104 18.61 -3.89 1.79
N ASP C 105 17.86 -3.07 1.03
CA ASP C 105 16.59 -2.58 1.53
C ASP C 105 15.61 -3.72 1.76
N GLY C 106 15.65 -4.74 0.92
CA GLY C 106 14.76 -5.88 1.10
C GLY C 106 15.04 -6.70 2.37
N VAL C 107 16.30 -6.89 2.68
CA VAL C 107 16.71 -7.49 3.94
C VAL C 107 16.24 -6.60 5.12
N ALA C 108 16.44 -5.29 5.01
CA ALA C 108 16.02 -4.38 6.08
C ALA C 108 14.49 -4.34 6.30
N ALA C 109 13.74 -4.69 5.27
CA ALA C 109 12.28 -4.78 5.36
C ALA C 109 11.83 -6.18 5.67
N GLY C 110 12.74 -7.14 5.59
CA GLY C 110 12.38 -8.51 5.73
C GLY C 110 11.57 -9.11 4.58
N THR C 111 11.55 -8.41 3.43
CA THR C 111 10.71 -8.86 2.30
C THR C 111 11.41 -9.84 1.38
N GLN C 112 12.74 -9.90 1.50
CA GLN C 112 13.57 -10.83 0.75
C GLN C 112 14.47 -11.63 1.69
N PRO C 113 14.89 -12.83 1.25
CA PRO C 113 16.01 -13.45 1.90
C PRO C 113 17.32 -12.72 1.64
N TYR C 114 18.37 -13.18 2.30
CA TYR C 114 19.72 -12.78 1.92
C TYR C 114 20.05 -13.51 0.63
N PHE C 115 20.67 -12.84 -0.33
CA PHE C 115 21.19 -13.52 -1.51
C PHE C 115 22.72 -13.50 -1.41
N TYR C 116 23.32 -14.68 -1.41
CA TYR C 116 24.76 -14.84 -1.30
C TYR C 116 25.32 -15.65 -2.45
N ASN C 117 26.41 -15.14 -3.03
CA ASN C 117 27.17 -15.87 -4.00
C ASN C 117 28.53 -16.24 -3.38
N LEU C 118 28.99 -17.46 -3.67
CA LEU C 118 30.20 -18.00 -3.12
C LEU C 118 31.14 -18.37 -4.30
N PHE C 119 32.37 -17.86 -4.24
CA PHE C 119 33.40 -18.18 -5.22
C PHE C 119 34.54 -18.93 -4.48
N VAL C 120 34.88 -20.16 -4.89
CA VAL C 120 36.02 -20.89 -4.32
C VAL C 120 37.06 -21.18 -5.44
N ARG C 121 38.20 -20.50 -5.41
CA ARG C 121 39.17 -20.47 -6.51
C ARG C 121 40.27 -21.45 -6.15
N PHE C 122 40.51 -22.43 -7.03
CA PHE C 122 41.63 -23.37 -6.97
C PHE C 122 42.56 -23.20 -8.17
N ALA C 123 43.81 -23.62 -8.00
CA ALA C 123 44.85 -23.46 -9.02
C ALA C 123 44.59 -24.27 -10.29
N ASP C 124 43.93 -25.41 -10.14
CA ASP C 124 43.72 -26.31 -11.25
C ASP C 124 42.70 -27.37 -10.86
N GLY C 125 42.34 -28.21 -11.82
CA GLY C 125 41.37 -29.28 -11.59
C GLY C 125 41.76 -30.29 -10.54
N ARG C 126 43.04 -30.63 -10.48
CA ARG C 126 43.52 -31.58 -9.49
CA ARG C 126 43.56 -31.57 -9.49
C ARG C 126 43.27 -31.04 -8.08
N ALA C 127 43.65 -29.78 -7.85
CA ALA C 127 43.45 -29.18 -6.52
C ALA C 127 41.95 -29.07 -6.18
N ALA C 128 41.16 -28.66 -7.16
CA ALA C 128 39.72 -28.50 -6.96
C ALA C 128 39.17 -29.87 -6.59
N ARG C 129 39.57 -30.86 -7.35
CA ARG C 129 39.12 -32.22 -7.11
C ARG C 129 39.51 -32.74 -5.75
N ALA C 130 40.74 -32.45 -5.30
CA ALA C 130 41.19 -32.98 -4.05
C ALA C 130 40.57 -32.29 -2.82
N ALA C 131 39.95 -31.14 -3.02
CA ALA C 131 39.48 -30.29 -1.89
C ALA C 131 38.28 -30.87 -1.17
N GLY C 132 37.54 -31.74 -1.84
CA GLY C 132 36.34 -32.35 -1.27
C GLY C 132 35.23 -31.33 -0.95
N PHE C 133 35.08 -30.33 -1.82
CA PHE C 133 34.12 -29.25 -1.57
C PHE C 133 32.68 -29.73 -1.54
N GLU C 134 32.32 -30.69 -2.39
CA GLU C 134 30.94 -31.16 -2.42
C GLU C 134 30.55 -31.68 -1.04
N ALA C 135 31.45 -32.46 -0.42
CA ALA C 135 31.18 -33.04 0.92
C ALA C 135 31.04 -31.98 2.00
N LEU C 136 31.93 -30.99 1.96
CA LEU C 136 31.87 -29.87 2.89
C LEU C 136 30.58 -29.08 2.75
N PHE C 137 30.19 -28.77 1.50
CA PHE C 137 28.93 -28.11 1.22
C PHE C 137 27.73 -28.89 1.74
N GLU C 138 27.75 -30.19 1.50
CA GLU C 138 26.64 -31.04 1.87
C GLU C 138 26.52 -31.07 3.40
N THR C 139 27.66 -31.16 4.08
CA THR C 139 27.69 -31.25 5.54
C THR C 139 27.34 -29.91 6.19
N HIS C 140 27.91 -28.80 5.71
CA HIS C 140 27.84 -27.56 6.47
C HIS C 140 26.78 -26.55 5.95
N ILE C 141 26.62 -26.46 4.62
CA ILE C 141 25.86 -25.37 4.02
C ILE C 141 24.48 -25.82 3.60
N HIS C 142 24.42 -26.92 2.86
CA HIS C 142 23.16 -27.41 2.29
C HIS C 142 21.99 -27.49 3.28
N PRO C 143 22.26 -27.94 4.54
CA PRO C 143 21.11 -28.01 5.44
C PRO C 143 20.49 -26.65 5.80
N LEU C 144 21.21 -25.54 5.61
CA LEU C 144 20.68 -24.23 5.94
C LEU C 144 19.90 -23.59 4.78
N LEU C 145 19.82 -24.26 3.65
CA LEU C 145 19.22 -23.66 2.46
C LEU C 145 17.72 -24.03 2.28
N HIS C 146 16.94 -23.75 3.31
CA HIS C 146 15.51 -24.08 3.31
C HIS C 146 14.76 -22.83 3.71
N ALA C 147 13.54 -22.68 3.16
CA ALA C 147 12.65 -21.56 3.56
C ALA C 147 11.87 -21.93 4.81
N ALA C 149 8.16 -22.00 6.88
CA ALA C 149 6.77 -22.22 6.49
C ALA C 149 5.91 -21.72 7.63
N PRO C 150 4.59 -21.60 7.40
CA PRO C 150 3.67 -21.22 8.48
C PRO C 150 3.83 -22.13 9.73
N ARG C 151 3.69 -21.55 10.91
CA ARG C 151 3.60 -22.30 12.18
C ARG C 151 4.86 -23.17 12.46
N GLY C 152 6.02 -22.67 12.05
CA GLY C 152 7.30 -23.35 12.26
C GLY C 152 7.60 -24.50 11.30
N GLY C 153 6.65 -24.81 10.41
CA GLY C 153 6.81 -25.90 9.44
C GLY C 153 8.07 -25.78 8.60
N ASP C 154 8.55 -26.92 8.10
CA ASP C 154 9.72 -26.95 7.22
C ASP C 154 9.30 -26.49 5.84
N GLY C 155 9.91 -25.40 5.37
CA GLY C 155 9.58 -24.88 4.08
C GLY C 155 10.36 -25.59 2.99
N PRO C 156 10.07 -25.22 1.74
CA PRO C 156 10.75 -25.81 0.59
C PRO C 156 12.25 -25.52 0.60
N GLU C 157 13.02 -26.41 -0.01
CA GLU C 157 14.46 -26.18 -0.22
C GLU C 157 14.64 -25.01 -1.19
N LEU C 158 15.49 -24.07 -0.83
CA LEU C 158 15.83 -22.96 -1.73
C LEU C 158 17.00 -23.44 -2.60
N LEU C 159 16.71 -23.85 -3.83
CA LEU C 159 17.72 -24.52 -4.68
C LEU C 159 18.81 -23.49 -5.06
N ALA C 160 20.07 -23.92 -5.01
CA ALA C 160 21.20 -23.06 -5.37
C ALA C 160 21.58 -23.30 -6.84
N TYR C 161 22.00 -22.24 -7.53
CA TYR C 161 22.68 -22.34 -8.80
C TYR C 161 24.11 -22.75 -8.51
N ARG C 162 24.59 -23.80 -9.20
CA ARG C 162 25.94 -24.33 -8.95
CA ARG C 162 25.92 -24.33 -8.95
C ARG C 162 26.66 -24.46 -10.27
N ALA C 163 27.94 -24.10 -10.27
CA ALA C 163 28.73 -24.18 -11.50
C ALA C 163 30.20 -24.34 -11.15
N VAL C 164 30.94 -24.79 -12.14
CA VAL C 164 32.39 -24.62 -12.17
C VAL C 164 32.69 -23.64 -13.29
N LEU C 165 33.42 -22.60 -12.96
CA LEU C 165 33.77 -21.53 -13.87
C LEU C 165 35.27 -21.45 -14.12
N GLN C 166 35.61 -21.15 -15.37
CA GLN C 166 36.99 -20.91 -15.79
C GLN C 166 37.19 -19.42 -15.97
N SER C 167 38.37 -18.95 -15.61
CA SER C 167 38.67 -17.54 -15.69
C SER C 167 39.39 -17.35 -17.02
N VAL C 168 38.69 -16.80 -18.00
CA VAL C 168 39.19 -16.69 -19.38
C VAL C 168 40.32 -15.68 -19.54
N VAL C 169 40.13 -14.53 -18.92
CA VAL C 169 41.10 -13.44 -18.98
C VAL C 169 40.68 -12.52 -17.82
N ALA C 170 41.65 -11.78 -17.26
CA ALA C 170 41.40 -10.88 -16.16
C ALA C 170 42.23 -9.64 -16.34
N GLY C 171 41.96 -8.63 -15.53
CA GLY C 171 42.74 -7.41 -15.58
C GLY C 171 42.44 -6.47 -14.45
N ASP C 172 43.26 -5.43 -14.37
CA ASP C 172 43.07 -4.40 -13.37
C ASP C 172 43.46 -3.07 -14.00
N ARG C 173 43.78 -2.10 -13.15
CA ARG C 173 44.06 -0.74 -13.64
C ARG C 173 45.39 -0.65 -14.37
N HIS C 174 46.22 -1.67 -14.20
CA HIS C 174 47.61 -1.62 -14.67
C HIS C 174 47.98 -2.63 -15.74
N ALA C 175 47.24 -3.72 -15.85
CA ALA C 175 47.63 -4.80 -16.74
C ALA C 175 46.46 -5.71 -17.06
N ILE C 176 46.60 -6.47 -18.13
CA ILE C 176 45.66 -7.54 -18.48
C ILE C 176 46.38 -8.86 -18.30
N TYR C 177 45.70 -9.86 -17.74
CA TYR C 177 46.31 -11.15 -17.37
C TYR C 177 45.70 -12.21 -18.25
N ARG C 178 46.52 -12.84 -19.10
CA ARG C 178 46.03 -13.79 -20.09
CA ARG C 178 46.02 -13.79 -20.09
C ARG C 178 46.52 -15.22 -19.87
N GLY C 179 47.73 -15.38 -19.36
CA GLY C 179 48.26 -16.73 -19.09
C GLY C 179 47.69 -17.37 -17.83
N ALA C 180 47.74 -18.70 -17.76
CA ALA C 180 47.21 -19.44 -16.63
C ALA C 180 47.85 -18.94 -15.32
N GLU C 181 49.18 -18.79 -15.29
CA GLU C 181 49.82 -18.39 -14.05
C GLU C 181 49.57 -16.91 -13.69
N GLU C 182 49.57 -16.03 -14.69
CA GLU C 182 49.28 -14.61 -14.49
C GLU C 182 47.86 -14.51 -13.84
N ILE C 183 46.92 -15.31 -14.34
CA ILE C 183 45.53 -15.27 -13.85
C ILE C 183 45.45 -15.82 -12.42
N ARG C 184 46.19 -16.90 -12.13
CA ARG C 184 46.29 -17.40 -10.76
C ARG C 184 46.78 -16.34 -9.78
N SER C 185 47.84 -15.65 -10.16
CA SER C 185 48.40 -14.63 -9.30
CA SER C 185 48.41 -14.59 -9.32
C SER C 185 47.38 -13.50 -9.09
N PHE C 186 46.65 -13.16 -10.14
CA PHE C 186 45.57 -12.17 -10.03
C PHE C 186 44.55 -12.64 -8.99
N LEU C 187 44.16 -13.92 -9.03
CA LEU C 187 43.18 -14.43 -8.10
C LEU C 187 43.71 -14.56 -6.65
N ARG C 188 45.04 -14.60 -6.50
CA ARG C 188 45.62 -14.65 -5.15
C ARG C 188 45.68 -13.29 -4.52
N ARG C 189 45.41 -12.21 -5.26
CA ARG C 189 45.39 -10.88 -4.65
C ARG C 189 44.09 -10.10 -4.87
N PRO C 190 42.98 -10.64 -4.36
CA PRO C 190 41.71 -9.97 -4.64
C PRO C 190 41.66 -8.59 -4.02
N VAL C 191 41.07 -7.64 -4.75
CA VAL C 191 40.97 -6.27 -4.33
C VAL C 191 39.80 -6.05 -3.35
N GLU C 192 38.85 -6.97 -3.33
CA GLU C 192 37.57 -6.73 -2.67
C GLU C 192 37.59 -7.12 -1.19
N LEU C 193 38.59 -6.62 -0.46
CA LEU C 193 38.67 -6.86 0.99
C LEU C 193 37.44 -6.23 1.65
N PRO C 194 36.70 -6.99 2.51
CA PRO C 194 35.44 -6.42 3.04
C PRO C 194 35.54 -5.00 3.63
N GLU C 195 36.60 -4.67 4.38
CA GLU C 195 36.64 -3.34 5.01
C GLU C 195 36.79 -2.21 3.99
N ARG C 196 37.18 -2.50 2.75
CA ARG C 196 37.30 -1.45 1.72
CA ARG C 196 37.29 -1.45 1.75
C ARG C 196 35.94 -1.05 1.16
N GLU C 197 34.90 -1.83 1.39
CA GLU C 197 33.57 -1.44 0.95
C GLU C 197 33.49 -1.22 -0.54
N THR C 198 34.13 -2.12 -1.27
CA THR C 198 34.03 -2.11 -2.73
C THR C 198 32.66 -2.66 -3.15
N VAL C 199 32.25 -2.34 -4.37
CA VAL C 199 31.05 -2.82 -4.94
C VAL C 199 31.42 -3.71 -6.13
N THR C 200 31.01 -4.95 -6.03
CA THR C 200 31.17 -5.97 -7.08
C THR C 200 29.97 -5.92 -7.99
N VAL C 201 30.24 -6.11 -9.28
CA VAL C 201 29.18 -6.43 -10.22
C VAL C 201 29.41 -7.82 -10.82
N GLU C 202 28.32 -8.46 -11.17
CA GLU C 202 28.32 -9.72 -11.91
C GLU C 202 27.35 -9.61 -13.07
N ASN C 203 27.90 -9.35 -14.27
CA ASN C 203 27.08 -9.27 -15.47
CA ASN C 203 27.08 -9.27 -15.47
C ASN C 203 26.85 -10.66 -16.03
N HIS C 204 25.63 -11.15 -15.92
CA HIS C 204 25.25 -12.51 -16.28
C HIS C 204 24.65 -12.50 -17.68
N VAL C 205 25.25 -13.25 -18.60
CA VAL C 205 24.69 -13.43 -19.96
C VAL C 205 24.83 -14.89 -20.36
N VAL C 207 25.24 -16.90 -24.16
CA VAL C 207 25.57 -16.77 -25.57
CA VAL C 207 25.44 -16.76 -25.60
C VAL C 207 25.28 -18.13 -26.25
N PRO C 208 24.86 -18.15 -27.53
CA PRO C 208 24.67 -19.49 -28.08
C PRO C 208 25.97 -20.27 -28.10
N GLU C 209 25.87 -21.56 -27.84
CA GLU C 209 27.04 -22.42 -27.70
C GLU C 209 27.90 -22.44 -28.97
N ASP C 210 27.26 -22.48 -30.14
CA ASP C 210 27.98 -22.45 -31.43
C ASP C 210 28.63 -21.11 -31.78
N LYS C 211 28.33 -20.06 -31.01
CA LYS C 211 28.95 -18.75 -31.21
C LYS C 211 30.01 -18.39 -30.16
N HIS C 212 30.09 -19.14 -29.06
CA HIS C 212 30.89 -18.68 -27.92
C HIS C 212 32.39 -18.56 -28.18
N ALA C 213 32.96 -19.50 -28.95
CA ALA C 213 34.40 -19.48 -29.19
C ALA C 213 34.77 -18.17 -29.86
N ALA C 214 34.05 -17.82 -30.92
CA ALA C 214 34.31 -16.61 -31.70
C ALA C 214 33.97 -15.34 -30.94
N TRP C 215 33.07 -15.45 -29.97
CA TRP C 215 32.71 -14.30 -29.14
C TRP C 215 33.78 -13.91 -28.11
N GLU C 216 34.45 -14.89 -27.53
CA GLU C 216 35.38 -14.60 -26.43
C GLU C 216 36.44 -13.56 -26.75
N PRO C 217 37.07 -13.60 -27.95
CA PRO C 217 38.03 -12.55 -28.26
C PRO C 217 37.42 -11.14 -28.25
N GLN C 218 36.13 -11.04 -28.53
CA GLN C 218 35.47 -9.73 -28.49
C GLN C 218 35.22 -9.24 -27.06
N VAL C 219 34.85 -10.14 -26.16
CA VAL C 219 34.70 -9.74 -24.76
C VAL C 219 36.04 -9.23 -24.16
N ALA C 220 37.16 -9.77 -24.61
CA ALA C 220 38.48 -9.38 -24.08
C ALA C 220 38.76 -7.91 -24.26
N ILE C 221 38.23 -7.32 -25.31
CA ILE C 221 38.36 -5.87 -25.51
CA ILE C 221 38.35 -5.88 -25.53
C ILE C 221 37.80 -5.07 -24.30
N LEU C 222 36.82 -5.63 -23.62
CA LEU C 222 36.28 -4.95 -22.42
C LEU C 222 37.33 -4.80 -21.31
N LEU C 223 38.33 -5.67 -21.26
CA LEU C 223 39.39 -5.54 -20.28
C LEU C 223 40.29 -4.37 -20.59
N GLN C 224 40.50 -4.08 -21.87
CA GLN C 224 41.30 -2.93 -22.24
C GLN C 224 40.53 -1.63 -21.89
N VAL C 225 39.22 -1.61 -22.17
CA VAL C 225 38.38 -0.45 -21.80
C VAL C 225 38.45 -0.25 -20.27
N ALA C 226 38.32 -1.34 -19.51
CA ALA C 226 38.33 -1.24 -18.03
C ALA C 226 39.68 -0.77 -17.53
N GLN C 227 40.75 -1.23 -18.18
CA GLN C 227 42.10 -0.83 -17.75
C GLN C 227 42.28 0.67 -17.98
N ASP C 228 41.75 1.19 -19.08
CA ASP C 228 42.16 2.51 -19.56
C ASP C 228 41.22 3.66 -19.31
N THR C 229 39.92 3.38 -19.16
CA THR C 229 38.91 4.44 -19.25
C THR C 229 38.49 4.96 -17.88
N PHE C 230 38.39 6.28 -17.78
CA PHE C 230 37.84 6.95 -16.60
C PHE C 230 37.45 8.36 -17.02
N GLU C 231 36.75 9.07 -16.14
CA GLU C 231 36.32 10.45 -16.38
C GLU C 231 36.49 11.29 -15.12
N PRO C 232 37.02 12.54 -15.25
CA PRO C 232 37.50 13.17 -16.46
C PRO C 232 38.83 12.53 -16.90
N GLN C 233 39.03 12.49 -18.21
CA GLN C 233 40.20 11.79 -18.75
C GLN C 233 41.55 12.45 -18.39
N ASP C 234 41.56 13.74 -18.06
CA ASP C 234 42.76 14.43 -17.64
C ASP C 234 42.96 14.46 -16.10
N GLU C 235 42.19 13.64 -15.38
CA GLU C 235 42.31 13.57 -13.92
C GLU C 235 43.78 13.23 -13.52
N PRO C 236 44.41 14.06 -12.70
CA PRO C 236 45.86 14.00 -12.67
C PRO C 236 46.45 12.76 -12.02
N SER C 237 45.72 12.10 -11.14
CA SER C 237 46.24 10.90 -10.56
C SER C 237 46.04 9.70 -11.45
N GLY C 238 45.38 9.87 -12.61
CA GLY C 238 45.26 8.74 -13.53
C GLY C 238 44.20 7.72 -13.23
N VAL C 239 43.21 8.09 -12.38
CA VAL C 239 42.20 7.18 -11.88
CA VAL C 239 42.19 7.13 -12.01
C VAL C 239 40.78 7.64 -12.27
N GLY C 240 40.57 8.96 -12.32
CA GLY C 240 39.23 9.50 -12.48
C GLY C 240 38.69 10.13 -11.21
N LEU C 241 37.57 10.83 -11.34
CA LEU C 241 36.91 11.40 -10.13
C LEU C 241 35.71 10.53 -9.71
N PRO C 242 35.33 10.59 -8.42
CA PRO C 242 34.20 9.72 -7.97
C PRO C 242 32.90 10.03 -8.69
N GLY C 243 32.23 8.99 -9.13
CA GLY C 243 30.91 9.13 -9.71
C GLY C 243 29.86 9.59 -8.69
N ALA C 244 28.84 10.25 -9.20
CA ALA C 244 27.69 10.67 -8.40
C ALA C 244 26.48 10.65 -9.31
N ARG C 245 25.29 10.70 -8.70
CA ARG C 245 24.06 10.74 -9.47
C ARG C 245 24.06 11.88 -10.46
N ASP C 246 24.56 13.04 -10.03
CA ASP C 246 24.54 14.28 -10.82
C ASP C 246 25.82 14.55 -11.63
N ASN C 247 26.65 13.54 -11.91
CA ASN C 247 27.79 13.76 -12.79
C ASN C 247 27.96 12.53 -13.67
N ARG C 248 28.93 12.58 -14.57
CA ARG C 248 29.26 11.42 -15.39
C ARG C 248 30.69 10.97 -15.16
N TYR C 249 31.29 11.42 -14.06
CA TYR C 249 32.63 11.04 -13.71
C TYR C 249 32.66 9.64 -13.21
N TYR C 250 33.83 8.99 -13.29
CA TYR C 250 34.02 7.72 -12.63
C TYR C 250 35.51 7.41 -12.54
N ARG C 251 35.83 6.75 -11.44
CA ARG C 251 37.13 6.15 -11.23
C ARG C 251 37.15 4.82 -11.99
N LYS C 252 38.34 4.47 -12.50
CA LYS C 252 38.51 3.20 -13.19
C LYS C 252 37.93 2.08 -12.34
N ALA C 253 37.50 1.02 -13.00
CA ALA C 253 37.29 -0.23 -12.30
C ALA C 253 38.51 -0.62 -11.48
N LEU C 254 38.27 -1.38 -10.41
CA LEU C 254 39.40 -1.91 -9.62
C LEU C 254 39.95 -3.19 -10.23
N SER C 255 39.05 -4.05 -10.70
CA SER C 255 39.42 -5.31 -11.37
C SER C 255 38.25 -5.82 -12.20
N THR C 256 38.58 -6.63 -13.21
CA THR C 256 37.63 -7.24 -14.11
C THR C 256 38.08 -8.67 -14.39
N GLU C 257 37.13 -9.58 -14.47
CA GLU C 257 37.39 -11.00 -14.70
C GLU C 257 36.26 -11.58 -15.52
N ILE C 258 36.61 -12.26 -16.61
CA ILE C 258 35.63 -12.92 -17.42
C ILE C 258 35.55 -14.38 -17.02
N LEU C 259 34.39 -14.81 -16.55
CA LEU C 259 34.17 -16.18 -16.12
C LEU C 259 33.28 -16.91 -17.09
N ARG C 260 33.74 -18.07 -17.57
CA ARG C 260 32.99 -18.94 -18.48
C ARG C 260 32.54 -20.19 -17.71
N ASN C 261 31.27 -20.55 -17.81
CA ASN C 261 30.86 -21.85 -17.26
C ASN C 261 31.63 -22.92 -18.03
N ALA C 262 32.24 -23.85 -17.29
CA ALA C 262 33.03 -24.93 -17.89
C ALA C 262 32.20 -25.88 -18.73
N HIS C 263 30.89 -25.88 -18.53
CA HIS C 263 29.99 -26.80 -19.23
C HIS C 263 28.91 -25.99 -19.95
N ALA C 264 28.66 -26.31 -21.21
CA ALA C 264 27.52 -25.75 -21.94
C ALA C 264 26.19 -26.23 -21.32
N ASP C 265 25.19 -25.36 -21.27
CA ASP C 265 23.80 -25.72 -20.96
C ASP C 265 23.04 -25.98 -22.26
N GLY C 266 23.27 -27.17 -22.83
CA GLY C 266 22.76 -27.52 -24.16
C GLY C 266 23.31 -26.57 -25.20
N GLY C 267 22.44 -25.79 -25.82
CA GLY C 267 22.87 -24.82 -26.84
C GLY C 267 23.17 -23.43 -26.33
N LEU C 268 23.34 -23.29 -25.01
CA LEU C 268 23.64 -22.01 -24.38
C LEU C 268 24.89 -22.12 -23.54
N ARG C 269 25.73 -21.09 -23.53
CA ARG C 269 26.90 -21.08 -22.69
C ARG C 269 26.80 -19.84 -21.79
N ALA C 270 26.84 -20.07 -20.49
CA ALA C 270 26.75 -18.99 -19.49
C ALA C 270 28.11 -18.32 -19.18
N TYR C 271 28.09 -17.01 -19.06
CA TYR C 271 29.22 -16.22 -18.66
C TYR C 271 28.86 -15.25 -17.54
N ILE C 272 29.86 -14.86 -16.78
CA ILE C 272 29.78 -13.73 -15.85
C ILE C 272 30.97 -12.83 -16.01
N HIS C 274 32.77 -10.33 -14.18
CA HIS C 274 32.89 -10.07 -12.75
C HIS C 274 33.80 -8.86 -12.55
N GLY C 275 33.20 -7.76 -12.10
CA GLY C 275 33.92 -6.53 -11.91
C GLY C 275 33.90 -6.07 -10.46
N VAL C 276 34.95 -5.36 -10.06
CA VAL C 276 34.96 -4.69 -8.75
C VAL C 276 35.20 -3.22 -8.91
N TRP C 277 34.35 -2.42 -8.25
CA TRP C 277 34.38 -0.99 -8.38
C TRP C 277 34.45 -0.34 -7.00
N GLU C 278 34.87 0.92 -7.00
CA GLU C 278 34.91 1.68 -5.75
C GLU C 278 33.49 2.06 -5.30
N SER C 279 32.55 2.22 -6.24
CA SER C 279 31.17 2.64 -5.86
C SER C 279 30.16 2.25 -6.91
N VAL C 280 28.88 2.22 -6.56
CA VAL C 280 27.83 2.01 -7.54
CA VAL C 280 27.79 2.03 -7.52
C VAL C 280 27.86 3.07 -8.64
N TRP C 281 28.11 4.32 -8.26
CA TRP C 281 28.09 5.40 -9.22
C TRP C 281 29.25 5.32 -10.22
N ASP C 282 30.42 4.83 -9.79
CA ASP C 282 31.50 4.62 -10.75
C ASP C 282 31.00 3.65 -11.80
N HIS C 283 30.42 2.54 -11.36
CA HIS C 283 29.95 1.55 -12.28
C HIS C 283 28.92 2.10 -13.25
N GLU C 284 27.87 2.75 -12.71
CA GLU C 284 26.77 3.27 -13.54
C GLU C 284 27.29 4.26 -14.55
N ASN C 285 28.18 5.17 -14.11
CA ASN C 285 28.70 6.19 -15.04
C ASN C 285 29.66 5.58 -16.08
N SER C 286 30.33 4.49 -15.73
CA SER C 286 31.22 3.81 -16.69
C SER C 286 30.45 3.34 -17.92
N HIS C 287 29.20 2.93 -17.71
CA HIS C 287 28.31 2.50 -18.78
C HIS C 287 27.83 3.60 -19.73
N LEU C 288 27.99 4.86 -19.36
CA LEU C 288 27.54 6.00 -20.15
C LEU C 288 28.66 6.51 -21.05
N ASP C 289 29.89 6.07 -20.79
CA ASP C 289 31.04 6.47 -21.58
C ASP C 289 30.94 5.89 -23.00
N PRO C 290 30.93 6.76 -24.03
CA PRO C 290 30.92 6.30 -25.44
C PRO C 290 32.01 5.26 -25.74
N ARG C 291 33.15 5.30 -25.03
CA ARG C 291 34.22 4.32 -25.25
C ARG C 291 33.79 2.94 -24.84
N PHE C 292 33.02 2.89 -23.74
CA PHE C 292 32.48 1.63 -23.28
C PHE C 292 31.36 1.16 -24.20
N LEU C 293 30.46 2.06 -24.56
CA LEU C 293 29.31 1.68 -25.35
C LEU C 293 29.79 1.11 -26.69
N ALA C 294 30.85 1.71 -27.25
CA ALA C 294 31.40 1.24 -28.54
C ALA C 294 31.94 -0.20 -28.46
N ALA C 295 32.59 -0.57 -27.36
CA ALA C 295 33.14 -1.90 -27.21
C ALA C 295 32.09 -2.91 -26.79
N ALA C 296 31.14 -2.47 -25.98
CA ALA C 296 30.08 -3.34 -25.48
C ALA C 296 29.04 -3.73 -26.55
N GLY C 297 28.82 -2.89 -27.54
CA GLY C 297 27.79 -3.16 -28.58
C GLY C 297 27.94 -4.52 -29.21
N PRO C 298 29.12 -4.80 -29.77
CA PRO C 298 29.35 -6.09 -30.40
C PRO C 298 29.27 -7.23 -29.44
N VAL C 299 29.72 -7.02 -28.20
CA VAL C 299 29.63 -8.10 -27.22
C VAL C 299 28.19 -8.41 -26.83
N GLY C 300 27.42 -7.37 -26.58
CA GLY C 300 26.00 -7.52 -26.25
C GLY C 300 25.19 -8.15 -27.40
N ALA C 301 25.68 -7.96 -28.63
CA ALA C 301 24.93 -8.42 -29.80
C ALA C 301 24.68 -9.93 -29.77
N ALA C 302 25.61 -10.68 -29.13
CA ALA C 302 25.54 -12.14 -29.09
C ALA C 302 24.81 -12.70 -27.87
N ALA C 303 24.49 -11.87 -26.89
CA ALA C 303 23.81 -12.39 -25.71
C ALA C 303 22.37 -12.64 -26.04
N VAL C 304 21.90 -13.87 -25.86
CA VAL C 304 20.49 -14.16 -26.10
C VAL C 304 19.70 -14.34 -24.79
N VAL C 305 20.42 -14.41 -23.67
CA VAL C 305 19.82 -14.29 -22.30
C VAL C 305 20.61 -13.23 -21.51
N GLY C 306 19.90 -12.41 -20.74
CA GLY C 306 20.55 -11.32 -20.05
C GLY C 306 20.79 -10.15 -20.97
N PRO C 307 21.59 -9.16 -20.54
CA PRO C 307 22.38 -9.09 -19.35
C PRO C 307 21.57 -8.73 -18.12
N VAL C 308 21.92 -9.36 -17.00
CA VAL C 308 21.45 -8.98 -15.67
C VAL C 308 22.71 -8.75 -14.87
N GLU C 309 22.87 -7.56 -14.30
CA GLU C 309 24.12 -7.20 -13.62
C GLU C 309 23.87 -6.60 -12.22
N PRO C 310 23.75 -7.47 -11.19
CA PRO C 310 23.54 -6.97 -9.85
C PRO C 310 24.82 -6.42 -9.21
N PHE C 311 24.64 -5.69 -8.10
CA PHE C 311 25.66 -5.16 -7.24
C PHE C 311 25.75 -6.08 -6.04
N TYR C 312 26.94 -6.20 -5.50
CA TYR C 312 27.23 -7.07 -4.35
C TYR C 312 28.27 -6.41 -3.46
N LEU C 313 28.10 -6.68 -2.16
CA LEU C 313 29.12 -6.32 -1.18
C LEU C 313 29.82 -7.61 -0.75
N THR C 314 31.15 -7.54 -0.60
CA THR C 314 31.94 -8.71 -0.20
C THR C 314 31.93 -8.80 1.33
N ARG C 315 31.39 -9.89 1.81
CA ARG C 315 31.24 -10.16 3.25
C ARG C 315 32.34 -11.04 3.82
N ARG C 316 32.94 -11.91 3.02
CA ARG C 316 34.15 -12.65 3.44
C ARG C 316 35.11 -12.70 2.25
N LEU C 317 36.38 -12.51 2.53
CA LEU C 317 37.41 -12.73 1.52
CA LEU C 317 37.41 -12.74 1.51
C LEU C 317 38.56 -13.47 2.21
N VAL C 318 38.87 -14.66 1.73
CA VAL C 318 39.81 -15.55 2.43
C VAL C 318 40.89 -15.96 1.46
N VAL C 319 42.16 -15.79 1.84
CA VAL C 319 43.30 -16.24 1.04
C VAL C 319 44.03 -17.37 1.78
N ALA C 320 45.06 -17.93 1.14
CA ALA C 320 45.77 -19.08 1.75
C ALA C 320 46.41 -18.62 3.05
N ASP C 321 46.50 -19.51 4.02
CA ASP C 321 47.16 -19.16 5.27
C ASP C 321 48.68 -19.12 5.16
N PHE D 22 21.52 -26.10 -33.09
CA PHE D 22 20.65 -25.71 -31.95
C PHE D 22 19.45 -24.83 -32.38
N ASN D 23 18.86 -25.10 -33.53
CA ASN D 23 17.72 -24.31 -34.03
C ASN D 23 16.47 -25.14 -33.81
N PRO D 24 15.63 -24.74 -32.84
CA PRO D 24 14.49 -25.57 -32.50
C PRO D 24 13.36 -25.48 -33.53
N TRP D 25 13.45 -24.58 -34.51
CA TRP D 25 12.39 -24.43 -35.52
C TRP D 25 12.60 -25.19 -36.83
N THR D 26 13.71 -25.89 -36.97
CA THR D 26 13.90 -26.71 -38.18
C THR D 26 12.88 -27.86 -38.23
N ASP D 27 12.58 -28.34 -39.44
CA ASP D 27 11.74 -29.50 -39.62
C ASP D 27 12.23 -30.66 -38.74
N ALA D 28 13.54 -30.93 -38.80
CA ALA D 28 14.18 -31.93 -37.96
C ALA D 28 13.96 -31.67 -36.47
N ALA D 29 14.18 -30.43 -36.03
CA ALA D 29 13.99 -30.09 -34.62
C ALA D 29 12.53 -30.28 -34.21
N LEU D 30 11.61 -29.80 -35.05
CA LEU D 30 10.18 -29.93 -34.71
C LEU D 30 9.78 -31.40 -34.61
N ASP D 31 10.39 -32.25 -35.43
CA ASP D 31 10.05 -33.65 -35.36
C ASP D 31 10.43 -34.31 -34.04
N THR D 32 11.46 -33.79 -33.37
CA THR D 32 11.97 -34.42 -32.13
C THR D 32 11.12 -34.21 -30.87
N ILE D 33 10.06 -33.39 -30.95
CA ILE D 33 9.25 -33.14 -29.77
C ILE D 33 8.36 -34.36 -29.55
N ARG D 34 8.44 -34.93 -28.33
CA ARG D 34 7.72 -36.17 -28.00
C ARG D 34 6.22 -35.90 -27.92
N ASP D 35 5.85 -34.86 -27.16
CA ASP D 35 4.44 -34.52 -26.90
C ASP D 35 3.91 -33.43 -27.85
N VAL D 36 3.42 -33.88 -28.99
CA VAL D 36 3.05 -32.98 -30.07
C VAL D 36 1.54 -32.89 -30.33
N ASN D 37 0.69 -33.64 -29.63
CA ASN D 37 -0.76 -33.46 -29.79
C ASN D 37 -1.31 -32.38 -28.84
N GLN D 38 -0.75 -31.18 -28.93
CA GLN D 38 -1.12 -30.09 -28.05
C GLN D 38 -0.52 -28.84 -28.64
N ALA D 39 -0.94 -27.69 -28.15
CA ALA D 39 -0.46 -26.41 -28.67
C ALA D 39 1.07 -26.30 -28.66
N LEU D 40 1.63 -25.75 -29.73
CA LEU D 40 3.05 -25.41 -29.77
C LEU D 40 3.16 -23.95 -30.16
N THR D 41 4.00 -23.24 -29.43
CA THR D 41 4.28 -21.84 -29.71
C THR D 41 5.73 -21.68 -30.20
N LEU D 42 5.88 -21.18 -31.42
CA LEU D 42 7.19 -20.79 -31.87
C LEU D 42 7.37 -19.40 -31.30
N TYR D 43 8.48 -19.23 -30.57
CA TYR D 43 8.71 -18.07 -29.74
C TYR D 43 10.08 -17.44 -30.04
N ALA D 44 10.13 -16.12 -30.15
CA ALA D 44 11.38 -15.40 -30.35
C ALA D 44 11.42 -14.10 -29.55
N GLU D 45 12.62 -13.81 -29.03
CA GLU D 45 12.93 -12.53 -28.43
C GLU D 45 13.98 -11.84 -29.30
N ARG D 47 15.72 -7.89 -30.90
CA ARG D 47 16.04 -6.50 -30.84
C ARG D 47 15.99 -5.90 -32.25
N VAL D 48 15.36 -4.75 -32.38
CA VAL D 48 15.20 -4.10 -33.71
C VAL D 48 15.61 -2.66 -33.58
N VAL D 49 16.58 -2.22 -34.39
CA VAL D 49 17.00 -0.84 -34.29
C VAL D 49 15.97 0.08 -34.98
N PRO D 50 15.88 1.35 -34.56
CA PRO D 50 14.91 2.26 -35.16
C PRO D 50 14.98 2.32 -36.70
N ALA D 51 16.18 2.24 -37.28
CA ALA D 51 16.30 2.37 -38.73
C ALA D 51 15.55 1.24 -39.45
N HIS D 52 15.33 0.10 -38.77
CA HIS D 52 14.64 -1.07 -39.35
C HIS D 52 13.22 -1.33 -38.79
N HIS D 53 12.75 -0.47 -37.91
CA HIS D 53 11.47 -0.68 -37.22
C HIS D 53 10.24 -0.77 -38.14
N ASP D 54 10.07 0.22 -39.02
CA ASP D 54 8.94 0.17 -40.00
C ASP D 54 9.03 -1.06 -40.88
N ALA D 55 10.22 -1.38 -41.36
CA ALA D 55 10.38 -2.59 -42.17
C ALA D 55 10.01 -3.84 -41.38
N PHE D 56 10.40 -3.84 -40.10
CA PHE D 56 10.16 -4.97 -39.26
C PHE D 56 8.65 -5.16 -39.03
N LEU D 57 7.94 -4.09 -38.71
CA LEU D 57 6.50 -4.19 -38.55
C LEU D 57 5.82 -4.68 -39.87
N ALA D 58 6.28 -4.20 -41.02
CA ALA D 58 5.75 -4.62 -42.31
C ALA D 58 6.03 -6.11 -42.55
N ALA D 59 7.22 -6.56 -42.10
CA ALA D 59 7.61 -7.96 -42.17
C ALA D 59 6.72 -8.84 -41.29
N ILE D 60 6.40 -8.38 -40.07
CA ILE D 60 5.50 -9.13 -39.22
C ILE D 60 4.10 -9.22 -39.84
N ASP D 61 3.61 -8.12 -40.38
CA ASP D 61 2.30 -8.12 -41.04
C ASP D 61 2.26 -9.09 -42.25
N THR D 62 3.37 -9.20 -42.95
CA THR D 62 3.48 -10.16 -44.05
C THR D 62 3.43 -11.61 -43.57
N VAL D 63 4.22 -11.91 -42.55
CA VAL D 63 4.19 -13.22 -41.93
C VAL D 63 2.83 -13.61 -41.36
N SER D 64 2.16 -12.68 -40.67
CA SER D 64 0.87 -13.00 -40.05
C SER D 64 -0.17 -13.22 -41.14
N ALA D 65 -0.07 -12.46 -42.23
CA ALA D 65 -1.02 -12.67 -43.34
C ALA D 65 -0.86 -14.07 -43.90
N LYS D 66 0.40 -14.52 -44.05
CA LYS D 66 0.68 -15.85 -44.58
C LYS D 66 0.24 -16.98 -43.63
N LEU D 67 0.46 -16.77 -42.31
CA LEU D 67 0.12 -17.78 -41.31
C LEU D 67 -1.35 -17.93 -40.97
N ARG D 68 -2.11 -16.83 -40.98
CA ARG D 68 -3.46 -16.84 -40.39
C ARG D 68 -4.45 -17.71 -41.17
N VAL D 69 -4.12 -17.99 -42.42
CA VAL D 69 -4.97 -18.79 -43.28
C VAL D 69 -4.55 -20.27 -43.25
N LEU D 70 -3.46 -20.59 -42.56
CA LEU D 70 -2.97 -21.97 -42.50
C LEU D 70 -3.75 -22.83 -41.52
N PRO D 71 -3.93 -24.12 -41.84
CA PRO D 71 -4.66 -25.06 -40.96
C PRO D 71 -3.91 -25.24 -39.66
N GLY D 72 -4.62 -25.26 -38.53
CA GLY D 72 -3.94 -25.39 -37.23
C GLY D 72 -3.27 -24.14 -36.66
N PHE D 73 -3.27 -23.03 -37.40
CA PHE D 73 -2.90 -21.71 -36.83
C PHE D 73 -3.91 -21.28 -35.78
N LEU D 74 -3.42 -20.85 -34.60
CA LEU D 74 -4.31 -20.41 -33.55
C LEU D 74 -4.25 -18.88 -33.36
N SER D 75 -3.06 -18.34 -33.12
CA SER D 75 -2.87 -16.89 -32.96
C SER D 75 -1.42 -16.47 -33.09
N LEU D 76 -1.21 -15.19 -33.32
CA LEU D 76 0.12 -14.60 -33.36
C LEU D 76 0.06 -13.32 -32.53
N ALA D 77 1.03 -13.15 -31.65
CA ALA D 77 1.14 -11.95 -30.83
C ALA D 77 2.54 -11.36 -30.95
N LEU D 78 2.64 -10.05 -31.21
CA LEU D 78 3.89 -9.32 -31.25
C LEU D 78 3.82 -8.33 -30.10
N LYS D 79 4.76 -8.46 -29.17
CA LYS D 79 4.74 -7.68 -27.93
C LYS D 79 6.06 -6.89 -27.77
N GLN D 80 5.94 -5.60 -27.51
CA GLN D 80 7.08 -4.71 -27.29
C GLN D 80 7.34 -4.62 -25.79
N SER D 82 8.25 -2.97 -22.56
CA SER D 82 7.95 -1.62 -22.18
C SER D 82 8.60 -1.23 -20.87
N GLY D 83 8.79 -2.19 -19.98
CA GLY D 83 9.44 -1.88 -18.72
C GLY D 83 9.77 -3.18 -17.99
N ASP D 84 10.05 -3.04 -16.68
CA ASP D 84 10.50 -4.18 -15.89
C ASP D 84 9.78 -4.16 -14.53
N SER D 85 9.29 -5.30 -14.11
CA SER D 85 8.72 -5.42 -12.80
C SER D 85 9.74 -5.34 -11.70
N THR D 86 9.40 -4.62 -10.63
CA THR D 86 10.23 -4.63 -9.40
C THR D 86 9.64 -5.44 -8.30
N VAL D 88 8.10 -8.22 -8.57
CA VAL D 88 8.47 -9.63 -8.76
C VAL D 88 9.62 -10.09 -7.87
N LYS D 89 10.56 -9.21 -7.61
CA LYS D 89 11.76 -9.49 -6.82
C LYS D 89 11.50 -9.35 -5.31
N ASN D 90 10.29 -8.91 -4.94
CA ASN D 90 9.99 -8.56 -3.54
C ASN D 90 10.87 -7.50 -2.90
N TYR D 91 11.33 -6.58 -3.72
CA TYR D 91 11.94 -5.38 -3.16
C TYR D 91 10.86 -4.65 -2.33
N PRO D 92 11.29 -3.80 -1.41
CA PRO D 92 10.29 -3.09 -0.59
C PRO D 92 9.38 -2.18 -1.46
N GLU D 93 8.27 -1.82 -0.87
CA GLU D 93 7.17 -1.14 -1.60
C GLU D 93 7.60 0.20 -2.23
N THR D 94 8.61 0.86 -1.69
CA THR D 94 9.09 2.11 -2.27
C THR D 94 9.53 1.93 -3.72
N TYR D 95 9.89 0.70 -4.11
CA TYR D 95 10.36 0.41 -5.46
C TYR D 95 9.27 0.03 -6.47
N LYS D 96 8.03 -0.04 -5.99
CA LYS D 96 6.89 -0.52 -6.78
CA LYS D 96 6.88 -0.51 -6.77
C LYS D 96 6.80 0.24 -8.10
N GLY D 97 6.86 -0.48 -9.24
CA GLY D 97 6.66 0.11 -10.56
C GLY D 97 7.65 1.15 -10.99
N VAL D 98 8.81 1.23 -10.32
CA VAL D 98 9.76 2.30 -10.64
C VAL D 98 10.37 2.15 -12.05
N LEU D 99 10.29 0.96 -12.63
CA LEU D 99 10.78 0.73 -14.01
C LEU D 99 9.64 0.41 -14.99
N ALA D 100 8.44 0.82 -14.65
CA ALA D 100 7.21 0.49 -15.42
C ALA D 100 7.30 0.81 -16.90
N THR D 101 7.93 1.95 -17.23
CA THR D 101 8.04 2.42 -18.65
C THR D 101 9.46 2.62 -19.13
N ALA D 102 10.44 2.02 -18.42
CA ALA D 102 11.84 2.31 -18.66
C ALA D 102 12.33 1.95 -20.08
N TYR D 103 11.79 0.86 -20.64
CA TYR D 103 12.15 0.48 -22.03
C TYR D 103 11.52 1.39 -23.08
N LEU D 104 10.27 1.80 -22.88
CA LEU D 104 9.67 2.83 -23.74
C LEU D 104 10.49 4.10 -23.67
N ASP D 105 10.92 4.48 -22.46
CA ASP D 105 11.72 5.69 -22.28
C ASP D 105 13.08 5.58 -23.02
N GLY D 106 13.66 4.37 -23.03
CA GLY D 106 14.94 4.13 -23.72
C GLY D 106 14.80 4.30 -25.25
N VAL D 107 13.73 3.74 -25.82
CA VAL D 107 13.44 3.91 -27.25
C VAL D 107 13.29 5.41 -27.53
N ALA D 108 12.48 6.09 -26.71
CA ALA D 108 12.23 7.54 -26.86
C ALA D 108 13.50 8.37 -26.76
N ALA D 109 14.40 7.98 -25.87
CA ALA D 109 15.68 8.68 -25.68
C ALA D 109 16.76 8.27 -26.64
N GLY D 110 16.54 7.22 -27.42
CA GLY D 110 17.53 6.80 -28.40
C GLY D 110 18.64 6.00 -27.73
N THR D 111 18.39 5.49 -26.52
CA THR D 111 19.48 4.74 -25.82
C THR D 111 19.37 3.24 -25.95
N GLN D 112 18.22 2.77 -26.40
CA GLN D 112 17.95 1.37 -26.62
C GLN D 112 17.29 1.11 -27.97
N PRO D 113 17.49 -0.10 -28.51
CA PRO D 113 16.65 -0.59 -29.60
C PRO D 113 15.26 -0.89 -29.09
N TYR D 114 14.36 -1.14 -30.04
CA TYR D 114 13.11 -1.82 -29.75
C TYR D 114 13.41 -3.25 -29.33
N PHE D 115 12.74 -3.69 -28.27
CA PHE D 115 12.73 -5.10 -27.91
C PHE D 115 11.32 -5.66 -28.19
N TYR D 116 11.27 -6.72 -28.99
CA TYR D 116 10.04 -7.34 -29.44
C TYR D 116 10.09 -8.83 -29.24
N ASN D 117 9.01 -9.37 -28.67
CA ASN D 117 8.82 -10.80 -28.55
C ASN D 117 7.69 -11.24 -29.44
N LEU D 118 7.87 -12.41 -30.07
CA LEU D 118 6.91 -12.93 -30.99
C LEU D 118 6.42 -14.29 -30.54
N PHE D 119 5.10 -14.47 -30.50
CA PHE D 119 4.50 -15.77 -30.16
C PHE D 119 3.68 -16.19 -31.38
N VAL D 120 3.97 -17.38 -31.88
CA VAL D 120 3.17 -17.97 -33.00
C VAL D 120 2.62 -19.30 -32.52
N ARG D 121 1.30 -19.34 -32.27
CA ARG D 121 0.62 -20.51 -31.68
C ARG D 121 -0.03 -21.42 -32.73
N PHE D 122 0.31 -22.71 -32.67
CA PHE D 122 -0.23 -23.78 -33.54
C PHE D 122 -0.93 -24.85 -32.73
N ALA D 123 -1.91 -25.52 -33.34
CA ALA D 123 -2.74 -26.51 -32.67
C ALA D 123 -1.95 -27.74 -32.23
N ASP D 124 -0.93 -28.11 -32.99
CA ASP D 124 -0.22 -29.37 -32.79
C ASP D 124 1.08 -29.33 -33.58
N GLY D 125 1.88 -30.38 -33.41
CA GLY D 125 3.14 -30.50 -34.10
C GLY D 125 2.99 -30.51 -35.59
N ARG D 126 1.99 -31.21 -36.10
CA ARG D 126 1.78 -31.35 -37.55
C ARG D 126 1.58 -29.96 -38.17
N ALA D 127 0.76 -29.13 -37.49
CA ALA D 127 0.45 -27.78 -37.96
C ALA D 127 1.69 -26.89 -37.93
N ALA D 128 2.44 -26.94 -36.83
CA ALA D 128 3.70 -26.18 -36.71
C ALA D 128 4.67 -26.52 -37.84
N ARG D 129 4.88 -27.82 -38.03
CA ARG D 129 5.71 -28.33 -39.11
C ARG D 129 5.31 -27.81 -40.48
N ALA D 130 4.03 -27.91 -40.78
CA ALA D 130 3.53 -27.57 -42.11
C ALA D 130 3.57 -26.07 -42.41
N ALA D 131 3.68 -25.24 -41.37
CA ALA D 131 3.65 -23.81 -41.56
C ALA D 131 4.92 -23.23 -42.21
N GLY D 132 6.05 -23.93 -42.09
CA GLY D 132 7.32 -23.45 -42.67
C GLY D 132 7.78 -22.12 -42.06
N PHE D 133 7.64 -22.01 -40.74
CA PHE D 133 7.97 -20.76 -40.08
C PHE D 133 9.44 -20.37 -40.17
N GLU D 134 10.34 -21.33 -40.00
CA GLU D 134 11.79 -21.07 -40.21
C GLU D 134 12.07 -20.33 -41.52
N ALA D 135 11.50 -20.82 -42.61
CA ALA D 135 11.70 -20.18 -43.90
C ALA D 135 11.12 -18.75 -43.91
N LEU D 136 9.91 -18.57 -43.36
CA LEU D 136 9.35 -17.22 -43.31
C LEU D 136 10.20 -16.29 -42.48
N PHE D 137 10.68 -16.76 -41.34
CA PHE D 137 11.55 -15.94 -40.49
C PHE D 137 12.84 -15.59 -41.22
N GLU D 138 13.41 -16.59 -41.88
CA GLU D 138 14.66 -16.37 -42.57
C GLU D 138 14.49 -15.35 -43.70
N THR D 139 13.38 -15.46 -44.44
CA THR D 139 13.14 -14.54 -45.55
C THR D 139 12.79 -13.12 -45.13
N HIS D 140 11.88 -12.98 -44.16
CA HIS D 140 11.24 -11.67 -43.90
C HIS D 140 11.81 -10.95 -42.68
N ILE D 141 12.20 -11.69 -41.65
CA ILE D 141 12.56 -11.08 -40.36
C ILE D 141 14.07 -11.03 -40.10
N HIS D 142 14.73 -12.16 -40.27
CA HIS D 142 16.18 -12.28 -39.96
C HIS D 142 17.04 -11.18 -40.61
N PRO D 143 16.77 -10.84 -41.87
CA PRO D 143 17.59 -9.78 -42.48
C PRO D 143 17.54 -8.43 -41.75
N LEU D 144 16.50 -8.19 -40.93
CA LEU D 144 16.32 -6.91 -40.28
C LEU D 144 16.92 -6.87 -38.87
N LEU D 145 17.44 -8.01 -38.40
CA LEU D 145 17.95 -8.13 -36.99
C LEU D 145 19.45 -7.85 -36.88
N HIS D 146 19.86 -6.69 -37.42
CA HIS D 146 21.27 -6.23 -37.38
C HIS D 146 21.30 -4.80 -36.88
N ALA D 147 22.36 -4.44 -36.19
CA ALA D 147 22.51 -3.07 -35.78
C ALA D 147 23.05 -2.23 -36.96
N ALA D 149 26.03 0.40 -38.51
CA ALA D 149 27.47 0.59 -38.42
C ALA D 149 27.75 2.08 -38.34
N ASP D 154 25.90 -2.23 -42.41
CA ASP D 154 25.46 -3.15 -41.38
C ASP D 154 26.43 -3.24 -40.21
N GLY D 155 25.88 -3.30 -39.00
CA GLY D 155 26.68 -3.56 -37.81
C GLY D 155 26.55 -5.02 -37.44
N PRO D 156 26.86 -5.36 -36.19
CA PRO D 156 26.74 -6.76 -35.81
C PRO D 156 25.29 -7.26 -35.86
N GLU D 157 25.14 -8.55 -36.04
CA GLU D 157 23.83 -9.19 -35.98
C GLU D 157 23.39 -9.22 -34.55
N LEU D 158 22.15 -8.80 -34.31
CA LEU D 158 21.54 -8.85 -32.96
C LEU D 158 20.87 -10.20 -32.87
N LEU D 159 21.51 -11.13 -32.15
CA LEU D 159 21.01 -12.50 -32.06
C LEU D 159 19.69 -12.60 -31.30
N ALA D 160 18.80 -13.45 -31.82
CA ALA D 160 17.47 -13.63 -31.19
C ALA D 160 17.45 -14.90 -30.38
N TYR D 161 16.73 -14.88 -29.25
CA TYR D 161 16.40 -16.10 -28.53
C TYR D 161 15.25 -16.76 -29.27
N ARG D 162 15.39 -18.05 -29.53
CA ARG D 162 14.39 -18.83 -30.26
CA ARG D 162 14.38 -18.81 -30.25
C ARG D 162 14.01 -20.03 -29.43
N ALA D 163 12.73 -20.39 -29.43
CA ALA D 163 12.29 -21.59 -28.72
C ALA D 163 11.01 -22.11 -29.29
N VAL D 164 10.72 -23.35 -28.90
CA VAL D 164 9.41 -23.93 -29.04
C VAL D 164 8.92 -24.18 -27.63
N LEU D 165 7.70 -23.70 -27.36
CA LEU D 165 7.11 -23.67 -26.03
C LEU D 165 5.81 -24.42 -25.99
N GLN D 166 5.63 -25.22 -24.95
CA GLN D 166 4.38 -25.91 -24.72
C GLN D 166 3.61 -25.19 -23.62
N SER D 167 2.29 -25.08 -23.80
CA SER D 167 1.38 -24.41 -22.86
C SER D 167 0.92 -25.47 -21.87
N VAL D 168 1.54 -25.48 -20.69
CA VAL D 168 1.33 -26.55 -19.72
C VAL D 168 -0.08 -26.50 -19.11
N VAL D 169 -0.52 -25.30 -18.77
CA VAL D 169 -1.81 -25.03 -18.18
C VAL D 169 -2.09 -23.54 -18.39
N ALA D 170 -3.36 -23.15 -18.44
CA ALA D 170 -3.74 -21.76 -18.61
C ALA D 170 -5.00 -21.44 -17.78
N GLY D 171 -5.33 -20.16 -17.67
CA GLY D 171 -6.51 -19.76 -16.90
C GLY D 171 -6.84 -18.30 -17.11
N ASP D 172 -8.03 -17.94 -16.65
CA ASP D 172 -8.48 -16.57 -16.70
C ASP D 172 -9.28 -16.32 -15.43
N ARG D 173 -10.13 -15.31 -15.44
CA ARG D 173 -10.87 -14.94 -14.24
C ARG D 173 -11.96 -15.93 -13.87
N HIS D 174 -12.29 -16.82 -14.80
CA HIS D 174 -13.45 -17.69 -14.69
C HIS D 174 -13.15 -19.16 -14.64
N ALA D 175 -12.05 -19.59 -15.25
CA ALA D 175 -11.76 -21.01 -15.33
C ALA D 175 -10.26 -21.27 -15.43
N ILE D 176 -9.90 -22.52 -15.10
CA ILE D 176 -8.56 -23.02 -15.37
C ILE D 176 -8.66 -24.07 -16.49
N TYR D 177 -7.78 -23.95 -17.49
CA TYR D 177 -7.74 -24.81 -18.69
C TYR D 177 -6.58 -25.81 -18.66
N ARG D 178 -6.94 -27.08 -18.60
CA ARG D 178 -6.00 -28.17 -18.33
CA ARG D 178 -5.97 -28.13 -18.35
C ARG D 178 -5.83 -29.08 -19.52
N GLY D 179 -6.92 -29.42 -20.17
CA GLY D 179 -6.82 -30.31 -21.34
C GLY D 179 -6.25 -29.62 -22.58
N ALA D 180 -5.69 -30.41 -23.49
CA ALA D 180 -5.13 -29.89 -24.76
C ALA D 180 -6.15 -29.01 -25.50
N GLU D 181 -7.40 -29.46 -25.61
CA GLU D 181 -8.38 -28.74 -26.42
C GLU D 181 -8.85 -27.48 -25.73
N GLU D 182 -9.06 -27.55 -24.43
CA GLU D 182 -9.36 -26.35 -23.64
C GLU D 182 -8.27 -25.26 -23.79
N ILE D 183 -7.01 -25.68 -23.75
CA ILE D 183 -5.86 -24.76 -23.86
C ILE D 183 -5.81 -24.19 -25.30
N ARG D 184 -6.01 -25.03 -26.32
CA ARG D 184 -6.18 -24.49 -27.69
C ARG D 184 -7.24 -23.39 -27.79
N SER D 185 -8.39 -23.63 -27.17
CA SER D 185 -9.48 -22.66 -27.20
CA SER D 185 -9.49 -22.66 -27.17
C SER D 185 -9.07 -21.34 -26.55
N PHE D 186 -8.37 -21.42 -25.43
CA PHE D 186 -7.85 -20.25 -24.72
C PHE D 186 -6.94 -19.45 -25.64
N LEU D 187 -6.09 -20.14 -26.38
CA LEU D 187 -5.14 -19.50 -27.29
C LEU D 187 -5.81 -18.97 -28.57
N ARG D 188 -7.01 -19.42 -28.87
CA ARG D 188 -7.75 -18.91 -30.02
C ARG D 188 -8.40 -17.58 -29.77
N ARG D 189 -8.58 -17.21 -28.50
CA ARG D 189 -9.24 -15.95 -28.14
C ARG D 189 -8.44 -15.11 -27.16
N PRO D 190 -7.24 -14.67 -27.54
CA PRO D 190 -6.41 -13.88 -26.59
C PRO D 190 -7.09 -12.59 -26.20
N VAL D 191 -6.90 -12.17 -24.95
CA VAL D 191 -7.53 -10.96 -24.43
CA VAL D 191 -7.58 -10.97 -24.48
C VAL D 191 -6.82 -9.69 -24.90
N GLU D 192 -5.53 -9.83 -25.19
CA GLU D 192 -4.60 -8.69 -25.35
C GLU D 192 -4.67 -8.01 -26.70
N LEU D 193 -5.89 -7.68 -27.13
CA LEU D 193 -6.04 -6.87 -28.33
C LEU D 193 -5.33 -5.54 -28.07
N PRO D 194 -4.57 -5.08 -29.06
CA PRO D 194 -3.80 -3.84 -28.88
C PRO D 194 -4.61 -2.64 -28.39
N GLU D 195 -5.83 -2.48 -28.89
CA GLU D 195 -6.61 -1.28 -28.53
C GLU D 195 -7.00 -1.28 -27.05
N ARG D 196 -6.93 -2.45 -26.39
CA ARG D 196 -7.33 -2.54 -24.99
CA ARG D 196 -7.32 -2.53 -24.99
C ARG D 196 -6.23 -2.06 -24.04
N GLU D 197 -5.02 -1.88 -24.55
CA GLU D 197 -3.92 -1.34 -23.76
C GLU D 197 -3.68 -2.15 -22.49
N THR D 198 -3.79 -3.44 -22.64
CA THR D 198 -3.41 -4.36 -21.59
C THR D 198 -1.90 -4.38 -21.43
N VAL D 199 -1.48 -4.84 -20.26
CA VAL D 199 -0.06 -4.99 -19.93
C VAL D 199 0.25 -6.47 -19.77
N THR D 200 1.18 -6.93 -20.59
CA THR D 200 1.65 -8.30 -20.45
C THR D 200 2.87 -8.35 -19.54
N VAL D 201 2.97 -9.44 -18.81
CA VAL D 201 4.21 -9.83 -18.14
C VAL D 201 4.66 -11.23 -18.56
N GLU D 202 5.98 -11.41 -18.61
CA GLU D 202 6.58 -12.67 -18.89
C GLU D 202 7.59 -12.92 -17.80
N ASN D 203 7.22 -13.76 -16.85
CA ASN D 203 8.13 -14.14 -15.77
CA ASN D 203 8.17 -14.12 -15.80
C ASN D 203 9.04 -15.28 -16.23
N HIS D 204 10.31 -14.98 -16.44
CA HIS D 204 11.31 -15.94 -16.95
C HIS D 204 12.07 -16.58 -15.80
N VAL D 205 12.02 -17.91 -15.72
CA VAL D 205 12.84 -18.66 -14.73
C VAL D 205 13.40 -19.89 -15.39
N VAL D 207 14.50 -23.77 -14.00
CA VAL D 207 14.43 -24.77 -12.93
CA VAL D 207 14.55 -24.73 -12.89
C VAL D 207 15.40 -25.91 -13.29
N PRO D 208 15.99 -26.62 -12.31
CA PRO D 208 16.86 -27.76 -12.69
C PRO D 208 16.06 -28.83 -13.41
N GLU D 209 16.66 -29.42 -14.43
CA GLU D 209 15.95 -30.34 -15.33
C GLU D 209 15.46 -31.56 -14.57
N ASP D 210 16.28 -32.05 -13.63
CA ASP D 210 15.87 -33.17 -12.79
C ASP D 210 14.79 -32.82 -11.77
N LYS D 211 14.44 -31.55 -11.60
CA LYS D 211 13.35 -31.14 -10.69
C LYS D 211 12.06 -30.70 -11.39
N HIS D 212 12.11 -30.49 -12.71
CA HIS D 212 11.04 -29.73 -13.39
C HIS D 212 9.69 -30.49 -13.38
N ALA D 213 9.74 -31.80 -13.55
CA ALA D 213 8.52 -32.61 -13.65
C ALA D 213 7.74 -32.55 -12.34
N ALA D 214 8.43 -32.68 -11.20
CA ALA D 214 7.78 -32.55 -9.88
C ALA D 214 7.38 -31.12 -9.53
N TRP D 215 8.04 -30.15 -10.13
CA TRP D 215 7.77 -28.76 -9.86
C TRP D 215 6.50 -28.28 -10.56
N GLU D 216 6.21 -28.80 -11.76
CA GLU D 216 5.09 -28.24 -12.57
C GLU D 216 3.69 -28.26 -11.90
N PRO D 217 3.34 -29.35 -11.19
CA PRO D 217 2.08 -29.37 -10.42
C PRO D 217 1.97 -28.26 -9.37
N GLN D 218 3.10 -27.88 -8.79
CA GLN D 218 3.11 -26.80 -7.82
C GLN D 218 2.84 -25.42 -8.47
N VAL D 219 3.24 -25.24 -9.72
CA VAL D 219 3.07 -23.95 -10.43
C VAL D 219 1.59 -23.72 -10.72
N ALA D 220 0.84 -24.79 -10.92
CA ALA D 220 -0.59 -24.68 -11.24
C ALA D 220 -1.41 -23.95 -10.16
N ILE D 221 -0.97 -24.00 -8.91
CA ILE D 221 -1.63 -23.29 -7.83
CA ILE D 221 -1.64 -23.29 -7.85
C ILE D 221 -1.69 -21.79 -8.15
N LEU D 222 -0.69 -21.29 -8.88
CA LEU D 222 -0.65 -19.90 -9.31
C LEU D 222 -1.85 -19.51 -10.18
N LEU D 223 -2.39 -20.46 -10.95
CA LEU D 223 -3.53 -20.16 -11.80
CA LEU D 223 -3.53 -20.20 -11.80
C LEU D 223 -4.76 -19.98 -10.94
N GLN D 224 -4.81 -20.69 -9.82
CA GLN D 224 -5.94 -20.59 -8.93
C GLN D 224 -5.88 -19.24 -8.19
N VAL D 225 -4.66 -18.80 -7.81
CA VAL D 225 -4.49 -17.51 -7.14
C VAL D 225 -4.88 -16.43 -8.14
N ALA D 226 -4.40 -16.58 -9.40
CA ALA D 226 -4.76 -15.63 -10.44
C ALA D 226 -6.27 -15.57 -10.70
N GLN D 227 -6.95 -16.72 -10.65
CA GLN D 227 -8.43 -16.70 -10.87
C GLN D 227 -9.19 -15.96 -9.77
N ASP D 228 -8.73 -16.13 -8.53
CA ASP D 228 -9.53 -15.79 -7.35
C ASP D 228 -9.17 -14.49 -6.64
N THR D 229 -7.93 -14.03 -6.75
CA THR D 229 -7.42 -13.00 -5.84
C THR D 229 -7.50 -11.59 -6.44
N PHE D 230 -7.95 -10.67 -5.62
CA PHE D 230 -7.98 -9.25 -5.99
C PHE D 230 -8.05 -8.43 -4.70
N GLU D 231 -7.76 -7.14 -4.79
CA GLU D 231 -7.91 -6.25 -3.64
C GLU D 231 -8.66 -4.99 -4.07
N PRO D 232 -9.50 -4.43 -3.18
CA PRO D 232 -9.85 -4.96 -1.86
C PRO D 232 -10.78 -6.14 -1.95
N GLN D 233 -10.72 -7.02 -0.95
CA GLN D 233 -11.31 -8.37 -1.10
C GLN D 233 -12.81 -8.36 -1.13
N ASP D 234 -13.45 -7.37 -0.48
CA ASP D 234 -14.91 -7.28 -0.46
C ASP D 234 -15.49 -6.32 -1.49
N GLU D 235 -14.68 -5.96 -2.47
CA GLU D 235 -15.18 -5.13 -3.59
C GLU D 235 -16.40 -5.87 -4.18
N PRO D 236 -17.57 -5.21 -4.25
CA PRO D 236 -18.79 -5.98 -4.49
C PRO D 236 -18.96 -6.61 -5.89
N SER D 237 -18.28 -6.14 -6.92
CA SER D 237 -18.40 -6.79 -8.22
C SER D 237 -17.54 -8.04 -8.34
N GLY D 238 -16.68 -8.29 -7.36
CA GLY D 238 -15.85 -9.47 -7.39
C GLY D 238 -14.67 -9.40 -8.35
N VAL D 239 -14.19 -8.20 -8.66
CA VAL D 239 -13.06 -8.03 -9.59
C VAL D 239 -11.86 -7.32 -8.98
N GLY D 240 -12.14 -6.43 -8.03
CA GLY D 240 -11.13 -5.62 -7.34
C GLY D 240 -11.17 -4.19 -7.88
N LEU D 241 -10.29 -3.34 -7.37
CA LEU D 241 -10.25 -1.95 -7.81
C LEU D 241 -8.90 -1.70 -8.46
N PRO D 242 -8.84 -0.68 -9.34
CA PRO D 242 -7.56 -0.45 -10.01
C PRO D 242 -6.42 -0.11 -9.09
N GLY D 243 -5.29 -0.75 -9.34
CA GLY D 243 -4.05 -0.40 -8.70
C GLY D 243 -3.54 1.00 -9.00
N ALA D 244 -2.80 1.50 -8.04
CA ALA D 244 -2.09 2.76 -8.15
C ALA D 244 -0.83 2.67 -7.32
N ARG D 245 0.06 3.60 -7.57
CA ARG D 245 1.28 3.69 -6.80
C ARG D 245 0.96 3.79 -5.30
N ASP D 246 -0.11 4.50 -4.97
CA ASP D 246 -0.45 4.77 -3.55
C ASP D 246 -1.63 3.99 -3.02
N ASN D 247 -1.86 2.80 -3.60
CA ASN D 247 -2.75 1.84 -2.96
C ASN D 247 -2.15 0.43 -3.14
N ARG D 248 -2.77 -0.54 -2.50
CA ARG D 248 -2.45 -1.95 -2.73
C ARG D 248 -3.57 -2.70 -3.41
N TYR D 249 -4.49 -1.95 -4.02
CA TYR D 249 -5.60 -2.53 -4.74
C TYR D 249 -5.13 -3.11 -6.07
N TYR D 250 -5.86 -4.10 -6.56
CA TYR D 250 -5.64 -4.63 -7.93
C TYR D 250 -6.86 -5.39 -8.38
N ARG D 251 -7.19 -5.23 -9.66
CA ARG D 251 -8.13 -6.07 -10.34
C ARG D 251 -7.45 -7.37 -10.67
N LYS D 252 -8.25 -8.43 -10.75
CA LYS D 252 -7.73 -9.73 -11.12
C LYS D 252 -6.89 -9.66 -12.41
N ALA D 253 -5.91 -10.56 -12.55
CA ALA D 253 -5.29 -10.80 -13.86
C ALA D 253 -6.37 -11.04 -14.90
N LEU D 254 -6.10 -10.71 -16.14
CA LEU D 254 -7.00 -11.06 -17.24
C LEU D 254 -6.78 -12.48 -17.73
N SER D 255 -5.53 -12.91 -17.74
CA SER D 255 -5.22 -14.28 -18.14
C SER D 255 -3.83 -14.63 -17.68
N THR D 256 -3.59 -15.94 -17.53
CA THR D 256 -2.32 -16.52 -17.11
C THR D 256 -2.05 -17.80 -17.87
N GLU D 257 -0.81 -17.96 -18.34
CA GLU D 257 -0.43 -19.11 -19.15
C GLU D 257 0.97 -19.58 -18.73
N ILE D 258 1.15 -20.88 -18.46
CA ILE D 258 2.49 -21.40 -18.12
C ILE D 258 3.11 -22.06 -19.34
N LEU D 259 4.21 -21.47 -19.82
CA LEU D 259 4.94 -21.96 -20.99
C LEU D 259 6.21 -22.69 -20.53
N ARG D 260 6.37 -23.91 -21.05
CA ARG D 260 7.57 -24.69 -20.82
CA ARG D 260 7.53 -24.73 -20.82
C ARG D 260 8.34 -24.82 -22.12
N ASN D 261 9.63 -24.53 -22.08
CA ASN D 261 10.47 -24.81 -23.23
C ASN D 261 10.40 -26.31 -23.50
N ALA D 262 10.15 -26.68 -24.76
CA ALA D 262 9.97 -28.10 -25.14
C ALA D 262 11.27 -28.90 -25.01
N HIS D 263 12.41 -28.20 -24.94
CA HIS D 263 13.73 -28.84 -24.86
C HIS D 263 14.44 -28.31 -23.64
N ALA D 264 15.09 -29.19 -22.89
CA ALA D 264 15.98 -28.78 -21.82
C ALA D 264 17.20 -28.10 -22.40
N ASP D 265 17.72 -27.14 -21.64
CA ASP D 265 19.06 -26.56 -21.88
C ASP D 265 20.04 -27.28 -20.93
N GLY D 266 20.43 -28.48 -21.34
CA GLY D 266 21.28 -29.36 -20.52
C GLY D 266 20.57 -29.67 -19.21
N GLY D 267 21.15 -29.22 -18.11
CA GLY D 267 20.58 -29.47 -16.79
C GLY D 267 19.55 -28.42 -16.34
N LEU D 268 19.17 -27.50 -17.23
CA LEU D 268 18.22 -26.44 -16.90
C LEU D 268 17.01 -26.52 -17.84
N ARG D 269 15.83 -26.24 -17.30
CA ARG D 269 14.61 -26.15 -18.09
C ARG D 269 14.03 -24.74 -17.94
N ALA D 270 13.84 -24.06 -19.06
CA ALA D 270 13.27 -22.69 -19.04
C ALA D 270 11.75 -22.71 -19.03
N TYR D 271 11.18 -21.78 -18.28
CA TYR D 271 9.75 -21.51 -18.27
C TYR D 271 9.46 -20.02 -18.39
N ILE D 272 8.24 -19.72 -18.85
CA ILE D 272 7.75 -18.38 -18.86
C ILE D 272 6.33 -18.43 -18.33
N HIS D 274 3.31 -16.38 -18.34
CA HIS D 274 2.86 -15.34 -19.25
C HIS D 274 1.51 -14.86 -18.71
N GLY D 275 1.44 -13.63 -18.23
CA GLY D 275 0.23 -13.05 -17.71
C GLY D 275 -0.21 -11.79 -18.44
N VAL D 276 -1.51 -11.53 -18.43
CA VAL D 276 -2.03 -10.26 -18.96
C VAL D 276 -2.87 -9.57 -17.89
N TRP D 277 -2.62 -8.27 -17.75
CA TRP D 277 -3.21 -7.44 -16.71
C TRP D 277 -3.81 -6.19 -17.31
N GLU D 278 -4.72 -5.57 -16.58
CA GLU D 278 -5.27 -4.30 -17.01
C GLU D 278 -4.27 -3.16 -16.92
N SER D 279 -3.31 -3.25 -16.01
CA SER D 279 -2.33 -2.16 -15.80
C SER D 279 -1.09 -2.69 -15.08
N VAL D 280 -0.01 -1.93 -15.17
CA VAL D 280 1.22 -2.25 -14.44
CA VAL D 280 1.24 -2.25 -14.44
C VAL D 280 0.97 -2.31 -12.91
N TRP D 281 0.17 -1.38 -12.41
CA TRP D 281 -0.09 -1.28 -10.96
C TRP D 281 -0.86 -2.49 -10.44
N ASP D 282 -1.83 -2.99 -11.22
CA ASP D 282 -2.50 -4.24 -10.85
C ASP D 282 -1.49 -5.33 -10.66
N HIS D 283 -0.59 -5.47 -11.63
CA HIS D 283 0.45 -6.52 -11.50
C HIS D 283 1.39 -6.34 -10.28
N GLU D 284 1.91 -5.12 -10.12
CA GLU D 284 2.81 -4.83 -9.04
C GLU D 284 2.10 -5.09 -7.70
N ASN D 285 0.88 -4.58 -7.56
CA ASN D 285 0.12 -4.82 -6.29
C ASN D 285 -0.27 -6.27 -6.04
N SER D 286 -0.48 -7.04 -7.12
CA SER D 286 -0.77 -8.46 -6.96
C SER D 286 0.36 -9.19 -6.23
N HIS D 287 1.58 -8.73 -6.46
CA HIS D 287 2.75 -9.31 -5.83
C HIS D 287 2.88 -9.04 -4.32
N LEU D 288 2.17 -8.03 -3.81
CA LEU D 288 2.26 -7.63 -2.43
C LEU D 288 1.22 -8.37 -1.56
N ASP D 289 0.30 -9.08 -2.19
CA ASP D 289 -0.81 -9.72 -1.51
C ASP D 289 -0.26 -10.98 -0.80
N PRO D 290 -0.49 -11.10 0.52
CA PRO D 290 0.07 -12.27 1.24
C PRO D 290 -0.39 -13.62 0.66
N ARG D 291 -1.57 -13.67 0.06
CA ARG D 291 -2.05 -14.89 -0.60
C ARG D 291 -1.16 -15.27 -1.79
N PHE D 292 -0.69 -14.27 -2.52
CA PHE D 292 0.21 -14.56 -3.62
C PHE D 292 1.57 -15.01 -3.06
N LEU D 293 2.11 -14.24 -2.15
CA LEU D 293 3.41 -14.55 -1.56
C LEU D 293 3.44 -15.98 -1.02
N ALA D 294 2.37 -16.40 -0.34
CA ALA D 294 2.32 -17.72 0.26
C ALA D 294 2.33 -18.83 -0.81
N ALA D 295 1.60 -18.63 -1.91
CA ALA D 295 1.58 -19.60 -2.98
C ALA D 295 2.85 -19.55 -3.80
N ALA D 296 3.42 -18.37 -4.00
CA ALA D 296 4.55 -18.19 -4.92
C ALA D 296 5.86 -18.66 -4.28
N GLY D 297 5.91 -18.72 -2.95
CA GLY D 297 7.17 -19.05 -2.24
C GLY D 297 7.78 -20.38 -2.63
N PRO D 298 7.02 -21.47 -2.45
CA PRO D 298 7.40 -22.80 -2.84
C PRO D 298 7.69 -22.92 -4.29
N VAL D 299 6.96 -22.18 -5.11
CA VAL D 299 7.20 -22.22 -6.52
C VAL D 299 8.55 -21.59 -6.89
N GLY D 300 8.82 -20.40 -6.36
CA GLY D 300 10.05 -19.68 -6.62
C GLY D 300 11.28 -20.37 -6.01
N ALA D 301 11.07 -21.28 -5.06
CA ALA D 301 12.15 -22.01 -4.41
C ALA D 301 12.95 -22.87 -5.37
N ALA D 302 12.30 -23.38 -6.42
CA ALA D 302 12.98 -24.24 -7.41
C ALA D 302 13.71 -23.46 -8.49
N ALA D 303 13.46 -22.15 -8.59
CA ALA D 303 14.06 -21.34 -9.65
C ALA D 303 15.53 -21.03 -9.36
N VAL D 304 16.45 -21.50 -10.20
CA VAL D 304 17.88 -21.20 -9.99
C VAL D 304 18.45 -20.12 -10.91
N VAL D 305 17.64 -19.72 -11.91
CA VAL D 305 17.95 -18.55 -12.74
C VAL D 305 16.61 -17.78 -12.80
N GLY D 306 16.68 -16.47 -12.62
CA GLY D 306 15.50 -15.63 -12.53
C GLY D 306 14.98 -15.55 -11.12
N PRO D 307 13.78 -14.98 -10.94
CA PRO D 307 12.84 -14.51 -11.94
C PRO D 307 13.22 -13.14 -12.49
N VAL D 308 13.00 -12.94 -13.79
CA VAL D 308 13.02 -11.63 -14.41
C VAL D 308 11.67 -11.54 -15.12
N GLU D 309 10.96 -10.47 -14.89
CA GLU D 309 9.57 -10.37 -15.34
C GLU D 309 9.32 -8.98 -15.88
N PRO D 310 9.59 -8.81 -17.16
CA PRO D 310 9.34 -7.52 -17.80
C PRO D 310 7.87 -7.28 -18.12
N PHE D 311 7.54 -6.02 -18.41
CA PHE D 311 6.26 -5.61 -18.96
C PHE D 311 6.35 -5.48 -20.46
N TYR D 312 5.24 -5.74 -21.14
CA TYR D 312 5.10 -5.64 -22.56
C TYR D 312 3.75 -5.05 -22.95
N LEU D 313 3.74 -4.29 -24.05
CA LEU D 313 2.51 -3.87 -24.71
C LEU D 313 2.32 -4.69 -26.02
N THR D 314 1.09 -5.15 -26.26
CA THR D 314 0.77 -5.94 -27.45
C THR D 314 0.57 -5.01 -28.65
N ARG D 315 1.45 -5.18 -29.65
CA ARG D 315 1.46 -4.33 -30.83
C ARG D 315 0.79 -4.98 -32.04
N ARG D 316 0.73 -6.31 -32.09
CA ARG D 316 -0.11 -7.02 -33.08
C ARG D 316 -0.72 -8.21 -32.39
N LEU D 317 -1.98 -8.52 -32.75
CA LEU D 317 -2.65 -9.71 -32.29
CA LEU D 317 -2.65 -9.72 -32.29
C LEU D 317 -3.51 -10.20 -33.44
N VAL D 318 -3.18 -11.38 -33.95
CA VAL D 318 -3.87 -11.95 -35.11
C VAL D 318 -4.39 -13.31 -34.73
N VAL D 319 -5.67 -13.56 -35.00
CA VAL D 319 -6.29 -14.86 -34.81
C VAL D 319 -6.60 -15.52 -36.17
N ALA D 320 -6.96 -16.81 -36.15
CA ALA D 320 -7.12 -17.59 -37.37
C ALA D 320 -8.28 -17.05 -38.17
N ASP D 321 -8.15 -17.09 -39.50
CA ASP D 321 -9.29 -16.77 -40.38
C ASP D 321 -10.37 -17.80 -40.11
#